data_3LNO
#
_entry.id   3LNO
#
_cell.length_a   57.458
_cell.length_b   78.556
_cell.length_c   174.116
_cell.angle_alpha   90.00
_cell.angle_beta   99.30
_cell.angle_gamma   90.00
#
_symmetry.space_group_name_H-M   'C 1 2 1'
#
loop_
_entity.id
_entity.type
_entity.pdbx_description
1 polymer 'Putative uncharacterized protein'
2 water water
#
_entity_poly.entity_id   1
_entity_poly.type   'polypeptide(L)'
_entity_poly.pdbx_seq_one_letter_code
;SNA(MSE)SQEAFENKLYANLEAVIDPELGVDIVNLGLVYDVTADENNNAVIT(MSE)T(MSE)TSIGCP(MSE)AGQIV
SDVKKVLSTNVPEVNEIEVNVVWNPPWSKER(MSE)SR(MSE)AKIALGIRD
;
_entity_poly.pdbx_strand_id   A,B,C,D,E,F
#
# COMPACT_ATOMS: atom_id res chain seq x y z
N ASN A 2 21.23 -2.30 -4.90
CA ASN A 2 19.80 -2.62 -5.01
C ASN A 2 19.38 -3.79 -4.11
N ALA A 3 20.27 -4.77 -3.92
CA ALA A 3 20.01 -5.89 -3.01
C ALA A 3 19.92 -5.42 -1.55
N MSE A 4 20.62 -4.33 -1.22
CA MSE A 4 20.52 -3.74 0.11
C MSE A 4 19.26 -2.87 0.27
O MSE A 4 18.64 -2.86 1.33
CB MSE A 4 21.79 -2.96 0.50
CG MSE A 4 22.98 -3.86 0.87
SE MSE A 4 22.58 -5.34 2.10
CE MSE A 4 24.00 -5.02 3.42
N SER A 5 18.87 -2.16 -0.78
CA SER A 5 17.60 -1.44 -0.79
C SER A 5 16.43 -2.43 -0.61
N GLN A 6 16.50 -3.55 -1.32
CA GLN A 6 15.46 -4.57 -1.20
C GLN A 6 15.42 -5.12 0.21
N GLU A 7 16.60 -5.25 0.80
N GLU A 7 16.60 -5.25 0.80
N GLU A 7 16.59 -5.29 0.82
CA GLU A 7 16.71 -5.77 2.16
CA GLU A 7 16.71 -5.77 2.16
CA GLU A 7 16.64 -5.79 2.18
C GLU A 7 16.07 -4.83 3.17
C GLU A 7 16.07 -4.83 3.17
C GLU A 7 15.96 -4.82 3.13
N ALA A 8 16.19 -3.53 2.95
CA ALA A 8 15.63 -2.55 3.86
C ALA A 8 14.11 -2.52 3.69
N PHE A 9 13.63 -2.72 2.46
CA PHE A 9 12.19 -2.74 2.21
C PHE A 9 11.57 -3.97 2.87
N GLU A 10 12.26 -5.09 2.75
CA GLU A 10 11.81 -6.33 3.36
C GLU A 10 11.71 -6.18 4.85
N ASN A 11 12.67 -5.48 5.43
CA ASN A 11 12.67 -5.31 6.86
C ASN A 11 11.47 -4.43 7.25
N LYS A 12 11.23 -3.38 6.49
CA LYS A 12 10.09 -2.50 6.76
C LYS A 12 8.77 -3.28 6.64
N LEU A 13 8.64 -4.10 5.60
CA LEU A 13 7.43 -4.91 5.46
C LEU A 13 7.26 -5.83 6.65
N TYR A 14 8.35 -6.45 7.09
CA TYR A 14 8.23 -7.43 8.18
C TYR A 14 7.79 -6.77 9.48
N ALA A 15 8.34 -5.59 9.77
CA ALA A 15 7.98 -4.86 10.98
C ALA A 15 6.50 -4.49 10.96
N ASN A 16 5.98 -4.18 9.79
CA ASN A 16 4.56 -3.80 9.74
C ASN A 16 3.61 -4.98 9.97
N LEU A 17 4.12 -6.20 9.79
CA LEU A 17 3.33 -7.40 10.01
C LEU A 17 3.04 -7.60 11.51
N GLU A 18 3.66 -6.80 12.36
CA GLU A 18 3.29 -6.84 13.79
C GLU A 18 1.89 -6.33 14.04
N ALA A 19 1.29 -5.69 13.04
CA ALA A 19 -0.08 -5.20 13.20
C ALA A 19 -1.10 -6.24 12.79
N VAL A 20 -0.63 -7.44 12.40
CA VAL A 20 -1.56 -8.54 12.02
C VAL A 20 -1.62 -9.53 13.19
N ILE A 21 -2.80 -9.67 13.79
CA ILE A 21 -2.96 -10.50 14.99
C ILE A 21 -3.55 -11.87 14.66
N ASP A 22 -3.02 -12.93 15.29
CA ASP A 22 -3.76 -14.20 15.29
C ASP A 22 -4.88 -14.13 16.33
N PRO A 23 -6.14 -14.07 15.87
CA PRO A 23 -7.24 -13.80 16.82
C PRO A 23 -7.35 -14.82 17.95
N GLU A 24 -7.09 -16.09 17.67
CA GLU A 24 -7.18 -17.11 18.69
C GLU A 24 -6.14 -16.95 19.80
N LEU A 25 -4.96 -16.42 19.48
CA LEU A 25 -3.95 -16.27 20.52
C LEU A 25 -3.76 -14.86 21.04
N GLY A 26 -4.32 -13.87 20.34
CA GLY A 26 -4.11 -12.49 20.73
C GLY A 26 -2.67 -12.03 20.61
N VAL A 27 -1.90 -12.65 19.71
CA VAL A 27 -0.49 -12.32 19.51
C VAL A 27 -0.25 -12.12 18.03
N ASP A 28 0.61 -11.18 17.65
CA ASP A 28 0.83 -10.90 16.23
C ASP A 28 1.62 -12.01 15.56
N ILE A 29 1.51 -12.10 14.24
CA ILE A 29 2.08 -13.25 13.54
C ILE A 29 3.61 -13.27 13.54
N VAL A 30 4.20 -12.08 13.64
CA VAL A 30 5.63 -11.94 13.75
C VAL A 30 6.11 -12.55 15.09
N ASN A 31 5.56 -12.07 16.20
CA ASN A 31 5.94 -12.61 17.50
C ASN A 31 5.57 -14.09 17.68
N LEU A 32 4.56 -14.57 16.95
CA LEU A 32 4.27 -15.99 17.00
C LEU A 32 5.30 -16.85 16.28
N GLY A 33 6.08 -16.26 15.37
CA GLY A 33 7.00 -17.05 14.57
C GLY A 33 6.34 -17.64 13.33
N LEU A 34 5.20 -17.09 12.92
CA LEU A 34 4.50 -17.63 11.74
C LEU A 34 5.07 -17.18 10.41
N VAL A 35 5.80 -16.06 10.41
CA VAL A 35 6.35 -15.52 9.17
C VAL A 35 7.74 -16.06 8.89
N TYR A 36 7.84 -16.87 7.83
CA TYR A 36 9.11 -17.54 7.45
C TYR A 36 9.99 -16.73 6.51
N ASP A 37 9.40 -15.91 5.65
CA ASP A 37 10.25 -15.20 4.68
C ASP A 37 9.50 -14.02 4.15
N VAL A 38 10.19 -12.88 3.99
CA VAL A 38 9.61 -11.80 3.24
C VAL A 38 10.63 -11.44 2.17
N THR A 39 10.24 -11.44 0.90
CA THR A 39 11.17 -11.00 -0.12
C THR A 39 10.50 -9.97 -1.02
N ALA A 40 11.28 -9.02 -1.51
CA ALA A 40 10.73 -7.95 -2.35
C ALA A 40 11.64 -7.80 -3.54
N ASP A 41 11.07 -7.59 -4.72
CA ASP A 41 11.90 -7.41 -5.90
C ASP A 41 12.20 -5.94 -6.15
N GLU A 42 12.83 -5.64 -7.28
N GLU A 42 12.83 -5.64 -7.28
CA GLU A 42 13.29 -4.29 -7.57
CA GLU A 42 13.28 -4.29 -7.59
C GLU A 42 12.12 -3.35 -7.86
C GLU A 42 12.11 -3.35 -7.80
N ASN A 43 10.93 -3.91 -8.04
CA ASN A 43 9.72 -3.12 -8.23
C ASN A 43 8.77 -3.11 -7.02
N ASN A 44 9.28 -3.51 -5.86
CA ASN A 44 8.50 -3.48 -4.62
C ASN A 44 7.32 -4.45 -4.60
N ASN A 45 7.38 -5.44 -5.47
CA ASN A 45 6.48 -6.59 -5.41
C ASN A 45 6.97 -7.52 -4.32
N ALA A 46 6.07 -7.88 -3.41
CA ALA A 46 6.44 -8.59 -2.20
C ALA A 46 5.81 -9.98 -2.14
N VAL A 47 6.59 -10.95 -1.66
CA VAL A 47 6.15 -12.31 -1.40
C VAL A 47 6.36 -12.62 0.10
N ILE A 48 5.26 -12.81 0.82
CA ILE A 48 5.30 -13.19 2.22
C ILE A 48 5.02 -14.68 2.33
N THR A 49 5.96 -15.44 2.89
CA THR A 49 5.78 -16.89 3.08
C THR A 49 5.54 -17.14 4.57
N MSE A 50 4.43 -17.75 4.89
CA MSE A 50 4.10 -17.95 6.28
C MSE A 50 3.38 -19.29 6.47
O MSE A 50 3.00 -19.95 5.49
CB MSE A 50 3.22 -16.81 6.77
CG MSE A 50 1.83 -16.78 6.14
SE MSE A 50 0.83 -15.22 6.79
CE MSE A 50 0.75 -15.60 8.72
N THR A 51 3.22 -19.68 7.72
CA THR A 51 2.43 -20.85 8.04
C THR A 51 1.34 -20.48 9.05
N MSE A 52 0.57 -21.45 9.54
CA MSE A 52 -0.43 -21.20 10.59
C MSE A 52 -0.07 -22.04 11.79
O MSE A 52 0.82 -22.89 11.71
CB MSE A 52 -1.82 -21.58 10.10
CG MSE A 52 -2.25 -20.82 8.86
SE MSE A 52 -2.66 -19.00 9.39
CE MSE A 52 -2.02 -18.13 7.76
N THR A 53 -0.75 -21.84 12.90
CA THR A 53 -0.43 -22.64 14.08
C THR A 53 -0.75 -24.14 13.92
N SER A 54 -1.67 -24.46 13.01
CA SER A 54 -2.13 -25.83 12.76
C SER A 54 -2.79 -25.89 11.40
N ILE A 55 -2.65 -27.01 10.70
CA ILE A 55 -3.32 -27.19 9.43
C ILE A 55 -4.81 -26.89 9.55
N GLY A 56 -5.39 -27.25 10.70
CA GLY A 56 -6.80 -27.04 10.95
C GLY A 56 -7.19 -25.57 11.00
N CYS A 57 -6.28 -24.74 11.48
CA CYS A 57 -6.52 -23.32 11.81
C CYS A 57 -7.57 -22.62 10.95
N PRO A 58 -8.68 -22.22 11.57
CA PRO A 58 -9.86 -21.67 10.90
C PRO A 58 -9.67 -20.20 10.50
N MSE A 59 -8.76 -19.50 11.17
CA MSE A 59 -8.55 -18.07 10.90
C MSE A 59 -7.62 -17.81 9.70
O MSE A 59 -7.27 -16.67 9.41
CB MSE A 59 -8.02 -17.38 12.15
CG MSE A 59 -9.03 -17.31 13.31
SE MSE A 59 -10.68 -16.39 12.85
CE MSE A 59 -11.73 -16.71 14.47
N ALA A 60 -7.24 -18.86 9.00
CA ALA A 60 -6.24 -18.71 7.95
C ALA A 60 -6.66 -17.71 6.89
N GLY A 61 -7.93 -17.76 6.50
CA GLY A 61 -8.43 -16.86 5.47
C GLY A 61 -8.38 -15.41 5.95
N GLN A 62 -8.80 -15.18 7.17
CA GLN A 62 -8.78 -13.85 7.74
C GLN A 62 -7.36 -13.30 7.95
N ILE A 63 -6.42 -14.17 8.30
CA ILE A 63 -5.05 -13.73 8.52
C ILE A 63 -4.43 -13.23 7.22
N VAL A 64 -4.57 -14.01 6.15
CA VAL A 64 -4.08 -13.62 4.85
C VAL A 64 -4.64 -12.31 4.31
N SER A 65 -5.96 -12.12 4.34
CA SER A 65 -6.51 -10.83 3.91
C SER A 65 -6.04 -9.69 4.81
N ASP A 66 -5.85 -9.97 6.10
CA ASP A 66 -5.31 -8.98 7.02
C ASP A 66 -3.87 -8.57 6.65
N VAL A 67 -3.06 -9.55 6.23
CA VAL A 67 -1.74 -9.25 5.71
C VAL A 67 -1.82 -8.26 4.53
N LYS A 68 -2.69 -8.55 3.56
CA LYS A 68 -2.80 -7.65 2.41
C LYS A 68 -3.30 -6.26 2.78
N LYS A 69 -4.32 -6.19 3.61
CA LYS A 69 -4.81 -4.90 4.05
C LYS A 69 -3.74 -4.14 4.80
N VAL A 70 -3.06 -4.81 5.74
CA VAL A 70 -2.13 -4.07 6.59
C VAL A 70 -0.99 -3.53 5.74
N LEU A 71 -0.42 -4.38 4.89
CA LEU A 71 0.74 -3.93 4.12
C LEU A 71 0.34 -2.86 3.10
N SER A 72 -0.79 -3.05 2.40
CA SER A 72 -1.17 -2.09 1.38
C SER A 72 -1.51 -0.75 2.01
N THR A 73 -2.11 -0.81 3.19
CA THR A 73 -2.47 0.41 3.89
C THR A 73 -1.27 1.09 4.55
N ASN A 74 -0.45 0.30 5.26
CA ASN A 74 0.61 0.88 6.08
C ASN A 74 1.91 1.10 5.32
N VAL A 75 2.10 0.37 4.24
CA VAL A 75 3.31 0.53 3.42
C VAL A 75 2.89 0.72 1.96
N PRO A 76 2.28 1.88 1.67
CA PRO A 76 1.63 2.18 0.38
C PRO A 76 2.55 2.03 -0.81
N GLU A 77 3.87 2.12 -0.61
CA GLU A 77 4.78 1.95 -1.73
C GLU A 77 4.99 0.48 -2.13
N VAL A 78 4.39 -0.46 -1.40
CA VAL A 78 4.44 -1.85 -1.84
C VAL A 78 3.57 -2.00 -3.11
N ASN A 79 3.99 -2.85 -4.04
CA ASN A 79 3.14 -3.14 -5.19
C ASN A 79 2.43 -4.46 -5.06
N GLU A 80 2.90 -5.51 -5.71
CA GLU A 80 2.22 -6.78 -5.52
C GLU A 80 2.41 -7.31 -4.11
N ILE A 81 1.34 -7.87 -3.57
CA ILE A 81 1.48 -8.62 -2.34
C ILE A 81 0.99 -10.04 -2.51
N GLU A 82 1.91 -10.99 -2.46
CA GLU A 82 1.56 -12.39 -2.51
C GLU A 82 1.77 -13.02 -1.13
N VAL A 83 0.81 -13.80 -0.66
CA VAL A 83 0.99 -14.51 0.60
C VAL A 83 0.98 -15.99 0.31
N ASN A 84 2.11 -16.66 0.51
CA ASN A 84 2.12 -18.10 0.29
C ASN A 84 2.11 -18.80 1.63
N VAL A 85 1.06 -19.57 1.87
CA VAL A 85 0.93 -20.28 3.12
C VAL A 85 1.54 -21.69 2.97
N VAL A 86 2.56 -22.02 3.77
CA VAL A 86 3.22 -23.31 3.61
C VAL A 86 3.08 -24.09 4.91
N TRP A 87 3.43 -25.37 4.86
CA TRP A 87 3.26 -26.26 6.00
C TRP A 87 4.58 -26.93 6.35
N ASN A 88 5.63 -26.52 5.65
CA ASN A 88 6.95 -27.11 5.87
C ASN A 88 8.03 -26.06 5.88
N PRO A 89 8.85 -26.04 6.95
CA PRO A 89 8.76 -26.85 8.15
C PRO A 89 7.53 -26.48 9.01
N PRO A 90 7.12 -27.39 9.88
CA PRO A 90 5.87 -27.17 10.58
C PRO A 90 6.08 -26.18 11.71
N TRP A 91 5.11 -25.32 11.98
CA TRP A 91 5.22 -24.44 13.12
C TRP A 91 5.28 -25.19 14.46
N SER A 92 5.87 -24.57 15.46
CA SER A 92 5.74 -25.02 16.81
C SER A 92 5.98 -23.81 17.71
N LYS A 93 5.58 -23.94 18.96
CA LYS A 93 5.71 -22.90 19.95
C LYS A 93 7.17 -22.50 20.23
N GLU A 94 8.13 -23.36 19.92
CA GLU A 94 9.55 -23.03 20.05
C GLU A 94 9.93 -21.86 19.18
N ARG A 95 9.14 -21.60 18.14
CA ARG A 95 9.36 -20.49 17.20
C ARG A 95 8.87 -19.12 17.72
N MSE A 96 8.19 -19.13 18.84
CA MSE A 96 7.72 -17.85 19.39
C MSE A 96 8.86 -16.95 19.89
O MSE A 96 9.86 -17.45 20.38
CB MSE A 96 6.76 -18.17 20.50
CG MSE A 96 5.50 -18.78 19.92
SE MSE A 96 4.12 -18.99 21.28
CE MSE A 96 5.10 -19.14 22.93
N SER A 97 8.69 -15.64 19.79
CA SER A 97 9.68 -14.70 20.36
C SER A 97 9.74 -14.75 21.90
N ARG A 98 10.76 -14.11 22.47
CA ARG A 98 10.89 -13.99 23.93
C ARG A 98 9.63 -13.38 24.53
N MSE A 99 9.10 -12.31 23.93
CA MSE A 99 7.90 -11.66 24.51
C MSE A 99 6.65 -12.53 24.39
O MSE A 99 5.79 -12.52 25.28
CB MSE A 99 7.64 -10.26 23.91
CG MSE A 99 8.58 -9.19 24.49
SE MSE A 99 8.39 -9.04 26.45
CE MSE A 99 6.45 -8.65 26.50
N ALA A 100 6.52 -13.27 23.29
CA ALA A 100 5.40 -14.18 23.12
C ALA A 100 5.45 -15.26 24.20
N LYS A 101 6.63 -15.83 24.43
CA LYS A 101 6.76 -16.89 25.43
C LYS A 101 6.46 -16.34 26.79
N ILE A 102 6.88 -15.12 27.06
CA ILE A 102 6.61 -14.58 28.39
C ILE A 102 5.11 -14.33 28.50
N ALA A 103 4.53 -13.70 27.49
CA ALA A 103 3.11 -13.31 27.59
C ALA A 103 2.21 -14.55 27.72
N LEU A 104 2.52 -15.59 26.94
CA LEU A 104 1.70 -16.79 26.92
C LEU A 104 1.91 -17.67 28.12
N GLY A 105 3.00 -17.46 28.85
CA GLY A 105 3.18 -18.12 30.14
C GLY A 105 2.27 -17.53 31.20
N ILE A 106 1.81 -16.30 30.99
CA ILE A 106 0.99 -15.60 31.97
C ILE A 106 -0.48 -15.47 31.49
N ARG A 107 -0.67 -15.24 30.19
CA ARG A 107 -2.01 -15.10 29.63
C ARG A 107 -2.53 -16.45 29.16
N ASN B 2 -16.70 -25.59 -13.46
CA ASN B 2 -15.57 -24.71 -13.18
C ASN B 2 -15.34 -23.69 -14.29
N ALA B 3 -15.45 -24.12 -15.54
CA ALA B 3 -15.20 -23.24 -16.69
C ALA B 3 -16.03 -21.96 -16.64
N MSE B 4 -17.17 -22.00 -15.94
CA MSE B 4 -17.98 -20.80 -15.76
C MSE B 4 -17.51 -19.97 -14.55
O MSE B 4 -17.50 -18.75 -14.60
CB MSE B 4 -19.48 -21.12 -15.68
CG MSE B 4 -20.36 -20.15 -16.48
SE MSE B 4 -20.19 -20.36 -18.43
CE MSE B 4 -20.91 -18.66 -19.06
N SER B 5 -17.14 -20.66 -13.48
CA SER B 5 -16.55 -20.01 -12.30
C SER B 5 -15.25 -19.28 -12.66
N GLN B 6 -14.43 -19.88 -13.53
CA GLN B 6 -13.21 -19.21 -14.00
C GLN B 6 -13.55 -17.97 -14.80
N GLU B 7 -14.63 -18.04 -15.58
CA GLU B 7 -15.07 -16.90 -16.38
C GLU B 7 -15.68 -15.82 -15.48
N ALA B 8 -16.31 -16.20 -14.39
CA ALA B 8 -16.84 -15.20 -13.48
C ALA B 8 -15.67 -14.54 -12.74
N PHE B 9 -14.62 -15.31 -12.47
CA PHE B 9 -13.44 -14.74 -11.80
C PHE B 9 -12.70 -13.82 -12.74
N GLU B 10 -12.61 -14.21 -14.01
CA GLU B 10 -11.94 -13.37 -15.01
C GLU B 10 -12.67 -12.05 -15.17
N ASN B 11 -13.98 -12.12 -15.07
CA ASN B 11 -14.76 -10.92 -15.18
C ASN B 11 -14.44 -9.97 -14.00
N LYS B 12 -14.36 -10.52 -12.80
CA LYS B 12 -14.04 -9.74 -11.60
C LYS B 12 -12.64 -9.14 -11.72
N LEU B 13 -11.66 -9.96 -12.08
CA LEU B 13 -10.32 -9.42 -12.30
C LEU B 13 -10.40 -8.24 -13.28
N TYR B 14 -11.14 -8.42 -14.37
CA TYR B 14 -11.11 -7.38 -15.39
C TYR B 14 -11.75 -6.09 -14.86
N ALA B 15 -12.85 -6.21 -14.13
CA ALA B 15 -13.46 -4.99 -13.63
C ALA B 15 -12.49 -4.27 -12.68
N ASN B 16 -11.70 -5.03 -11.96
CA ASN B 16 -10.81 -4.42 -10.97
C ASN B 16 -9.67 -3.66 -11.61
N LEU B 17 -9.36 -3.97 -12.87
CA LEU B 17 -8.35 -3.25 -13.63
C LEU B 17 -8.75 -1.81 -13.94
N GLU B 18 -10.00 -1.48 -13.67
CA GLU B 18 -10.41 -0.06 -13.79
C GLU B 18 -9.75 0.82 -12.75
N ALA B 19 -9.06 0.22 -11.78
CA ALA B 19 -8.34 1.00 -10.79
C ALA B 19 -6.90 1.24 -11.22
N VAL B 20 -6.50 0.74 -12.39
CA VAL B 20 -5.15 1.00 -12.90
C VAL B 20 -5.16 2.12 -13.95
N ILE B 21 -4.50 3.22 -13.63
CA ILE B 21 -4.62 4.41 -14.46
C ILE B 21 -3.38 4.54 -15.36
N ASP B 22 -3.57 4.87 -16.62
CA ASP B 22 -2.39 5.27 -17.41
C ASP B 22 -2.04 6.71 -17.06
N PRO B 23 -0.87 6.93 -16.41
CA PRO B 23 -0.59 8.27 -15.88
C PRO B 23 -0.57 9.37 -16.94
N GLU B 24 -0.01 9.11 -18.12
CA GLU B 24 -0.02 10.08 -19.22
C GLU B 24 -1.41 10.57 -19.60
N LEU B 25 -2.35 9.65 -19.80
CA LEU B 25 -3.68 10.04 -20.26
C LEU B 25 -4.67 10.37 -19.15
N GLY B 26 -4.44 9.82 -17.96
CA GLY B 26 -5.37 10.01 -16.84
C GLY B 26 -6.62 9.15 -16.99
N VAL B 27 -6.52 8.07 -17.77
CA VAL B 27 -7.65 7.17 -18.04
C VAL B 27 -7.28 5.73 -17.61
N ASP B 28 -8.22 4.95 -17.10
CA ASP B 28 -7.88 3.59 -16.68
C ASP B 28 -7.57 2.70 -17.89
N ILE B 29 -6.82 1.62 -17.68
CA ILE B 29 -6.33 0.82 -18.81
C ILE B 29 -7.41 0.03 -19.55
N VAL B 30 -8.46 -0.30 -18.82
CA VAL B 30 -9.63 -0.94 -19.39
C VAL B 30 -10.32 -0.01 -20.40
N ASN B 31 -10.72 1.16 -19.94
CA ASN B 31 -11.34 2.15 -20.81
C ASN B 31 -10.43 2.58 -21.97
N LEU B 32 -9.12 2.57 -21.77
CA LEU B 32 -8.22 2.83 -22.90
C LEU B 32 -8.20 1.74 -23.96
N GLY B 33 -8.61 0.54 -23.58
CA GLY B 33 -8.55 -0.58 -24.49
C GLY B 33 -7.18 -1.28 -24.51
N LEU B 34 -6.39 -1.12 -23.46
CA LEU B 34 -5.05 -1.73 -23.40
C LEU B 34 -5.06 -3.20 -22.97
N VAL B 35 -6.13 -3.65 -22.34
CA VAL B 35 -6.17 -5.01 -21.83
C VAL B 35 -6.80 -5.92 -22.88
N TYR B 36 -6.02 -6.89 -23.34
CA TYR B 36 -6.45 -7.76 -24.42
C TYR B 36 -7.04 -9.08 -23.93
N ASP B 37 -6.61 -9.55 -22.76
CA ASP B 37 -7.10 -10.85 -22.29
C ASP B 37 -6.80 -10.99 -20.82
N VAL B 38 -7.74 -11.59 -20.10
CA VAL B 38 -7.50 -12.01 -18.73
C VAL B 38 -7.93 -13.48 -18.65
N THR B 39 -7.04 -14.33 -18.16
CA THR B 39 -7.41 -15.74 -17.96
C THR B 39 -7.05 -16.17 -16.52
N ALA B 40 -7.84 -17.07 -15.95
CA ALA B 40 -7.55 -17.54 -14.58
C ALA B 40 -7.62 -19.04 -14.59
N ASP B 41 -6.76 -19.70 -13.82
CA ASP B 41 -6.84 -21.17 -13.75
C ASP B 41 -7.61 -21.65 -12.53
N GLU B 42 -7.70 -22.97 -12.39
CA GLU B 42 -8.42 -23.63 -11.30
C GLU B 42 -8.01 -23.13 -9.94
N ASN B 43 -6.76 -22.68 -9.83
CA ASN B 43 -6.21 -22.23 -8.55
C ASN B 43 -6.18 -20.70 -8.39
N ASN B 44 -6.87 -19.99 -9.27
CA ASN B 44 -6.92 -18.53 -9.15
C ASN B 44 -5.56 -17.88 -9.43
N ASN B 45 -4.75 -18.53 -10.26
CA ASN B 45 -3.60 -17.87 -10.87
C ASN B 45 -4.08 -17.14 -12.12
N ALA B 46 -3.74 -15.86 -12.24
CA ALA B 46 -4.26 -15.09 -13.36
C ALA B 46 -3.17 -14.71 -14.34
N VAL B 47 -3.52 -14.64 -15.61
CA VAL B 47 -2.58 -14.13 -16.61
C VAL B 47 -3.23 -12.94 -17.33
N ILE B 48 -2.61 -11.78 -17.25
CA ILE B 48 -3.16 -10.58 -17.86
C ILE B 48 -2.36 -10.29 -19.13
N THR B 49 -3.00 -10.29 -20.30
CA THR B 49 -2.31 -9.90 -21.54
C THR B 49 -2.64 -8.45 -21.94
N MSE B 50 -1.65 -7.59 -22.07
CA MSE B 50 -2.00 -6.22 -22.39
C MSE B 50 -0.96 -5.58 -23.26
O MSE B 50 0.10 -6.15 -23.50
CB MSE B 50 -2.15 -5.42 -21.10
CG MSE B 50 -0.81 -5.21 -20.38
SE MSE B 50 -1.09 -4.24 -18.71
CE MSE B 50 -1.88 -2.59 -19.42
N THR B 51 -1.26 -4.39 -23.75
CA THR B 51 -0.29 -3.63 -24.52
C THR B 51 -0.16 -2.24 -23.91
N MSE B 52 0.68 -1.39 -24.50
CA MSE B 52 0.80 0.01 -24.07
C MSE B 52 0.38 0.90 -25.21
O MSE B 52 0.20 0.41 -26.34
CB MSE B 52 2.24 0.32 -23.72
CG MSE B 52 2.79 -0.54 -22.62
SE MSE B 52 1.96 -0.05 -20.92
CE MSE B 52 1.76 -1.86 -20.20
N THR B 53 0.24 2.20 -24.97
CA THR B 53 -0.21 3.09 -26.06
C THR B 53 0.79 3.20 -27.20
N SER B 54 2.07 2.98 -26.90
CA SER B 54 3.15 3.03 -27.89
C SER B 54 4.33 2.25 -27.35
N ILE B 55 5.20 1.80 -28.25
CA ILE B 55 6.27 0.89 -27.85
C ILE B 55 7.30 1.55 -26.94
N GLY B 56 7.42 2.86 -27.01
CA GLY B 56 8.38 3.54 -26.17
C GLY B 56 7.78 4.13 -24.90
N CYS B 57 6.53 3.75 -24.58
CA CYS B 57 5.82 4.37 -23.48
C CYS B 57 6.64 4.23 -22.20
N PRO B 58 7.03 5.36 -21.60
CA PRO B 58 7.98 5.28 -20.50
C PRO B 58 7.32 4.82 -19.21
N MSE B 59 6.01 4.56 -19.25
CA MSE B 59 5.29 4.23 -18.03
C MSE B 59 4.98 2.74 -17.93
O MSE B 59 4.35 2.30 -16.98
CB MSE B 59 4.01 5.06 -17.94
CG MSE B 59 4.26 6.53 -17.64
SE MSE B 59 4.98 6.74 -15.85
CE MSE B 59 5.87 8.47 -16.04
N ALA B 60 5.44 1.96 -18.90
CA ALA B 60 5.10 0.53 -18.92
C ALA B 60 5.41 -0.17 -17.60
N GLY B 61 6.59 0.05 -17.05
CA GLY B 61 6.99 -0.61 -15.82
C GLY B 61 6.09 -0.31 -14.63
N GLN B 62 5.78 0.97 -14.45
CA GLN B 62 4.86 1.41 -13.42
C GLN B 62 3.45 0.85 -13.62
N ILE B 63 2.99 0.76 -14.87
CA ILE B 63 1.64 0.26 -15.13
C ILE B 63 1.53 -1.23 -14.80
N VAL B 64 2.50 -2.00 -15.25
CA VAL B 64 2.58 -3.42 -14.94
C VAL B 64 2.64 -3.68 -13.41
N SER B 65 3.47 -2.94 -12.69
CA SER B 65 3.52 -3.09 -11.23
C SER B 65 2.17 -2.76 -10.61
N ASP B 66 1.53 -1.74 -11.17
CA ASP B 66 0.25 -1.31 -10.66
C ASP B 66 -0.83 -2.37 -10.93
N VAL B 67 -0.76 -3.04 -12.07
CA VAL B 67 -1.66 -4.17 -12.31
C VAL B 67 -1.47 -5.23 -11.22
N LYS B 68 -0.22 -5.58 -10.93
CA LYS B 68 -0.04 -6.61 -9.89
C LYS B 68 -0.50 -6.11 -8.52
N LYS B 69 -0.16 -4.88 -8.19
CA LYS B 69 -0.65 -4.28 -6.95
C LYS B 69 -2.18 -4.35 -6.83
N VAL B 70 -2.87 -3.77 -7.81
CA VAL B 70 -4.32 -3.61 -7.72
C VAL B 70 -5.01 -4.96 -7.57
N LEU B 71 -4.61 -5.93 -8.40
CA LEU B 71 -5.30 -7.21 -8.35
C LEU B 71 -5.04 -7.99 -7.06
N SER B 72 -3.77 -8.06 -6.64
CA SER B 72 -3.45 -8.83 -5.44
C SER B 72 -4.05 -8.20 -4.20
N THR B 73 -4.17 -6.88 -4.22
CA THR B 73 -4.69 -6.14 -3.07
C THR B 73 -6.23 -6.11 -3.10
N ASN B 74 -6.82 -5.77 -4.25
CA ASN B 74 -8.27 -5.54 -4.26
C ASN B 74 -9.06 -6.79 -4.56
N VAL B 75 -8.37 -7.82 -5.03
CA VAL B 75 -8.99 -9.11 -5.22
C VAL B 75 -8.17 -10.16 -4.44
N PRO B 76 -8.28 -10.12 -3.11
CA PRO B 76 -7.39 -10.88 -2.20
C PRO B 76 -7.31 -12.36 -2.54
N GLU B 77 -8.37 -12.92 -3.14
CA GLU B 77 -8.41 -14.36 -3.40
C GLU B 77 -7.63 -14.76 -4.63
N VAL B 78 -7.08 -13.77 -5.35
CA VAL B 78 -6.20 -14.10 -6.46
C VAL B 78 -4.85 -14.65 -5.93
N ASN B 79 -4.19 -15.47 -6.73
CA ASN B 79 -2.90 -16.03 -6.29
C ASN B 79 -1.75 -15.43 -7.07
N GLU B 80 -1.17 -16.18 -8.00
N GLU B 80 -1.17 -16.17 -8.01
CA GLU B 80 -0.09 -15.63 -8.83
CA GLU B 80 -0.06 -15.59 -8.77
C GLU B 80 -0.67 -14.70 -9.89
C GLU B 80 -0.60 -14.76 -9.93
N ILE B 81 0.06 -13.64 -10.21
CA ILE B 81 -0.35 -12.76 -11.28
C ILE B 81 0.76 -12.66 -12.30
N GLU B 82 0.46 -13.02 -13.52
CA GLU B 82 1.45 -12.88 -14.57
C GLU B 82 0.96 -11.77 -15.49
N VAL B 83 1.80 -10.80 -15.80
CA VAL B 83 1.41 -9.80 -16.80
C VAL B 83 2.29 -9.94 -18.03
N ASN B 84 1.67 -10.21 -19.18
CA ASN B 84 2.41 -10.29 -20.43
C ASN B 84 2.06 -9.12 -21.32
N VAL B 85 3.06 -8.33 -21.64
CA VAL B 85 2.86 -7.16 -22.47
C VAL B 85 3.17 -7.53 -23.91
N VAL B 86 2.22 -7.28 -24.81
CA VAL B 86 2.40 -7.63 -26.21
C VAL B 86 2.25 -6.37 -27.06
N TRP B 87 2.66 -6.45 -28.33
CA TRP B 87 2.63 -5.33 -29.26
C TRP B 87 1.86 -5.72 -30.53
N ASN B 88 1.16 -6.85 -30.46
CA ASN B 88 0.38 -7.36 -31.59
C ASN B 88 -0.91 -7.94 -31.14
N PRO B 89 -2.02 -7.45 -31.69
CA PRO B 89 -2.15 -6.30 -32.59
C PRO B 89 -1.80 -4.99 -31.88
N PRO B 90 -1.46 -3.95 -32.65
CA PRO B 90 -0.98 -2.70 -32.08
C PRO B 90 -2.16 -1.92 -31.52
N TRP B 91 -1.95 -1.24 -30.42
CA TRP B 91 -3.01 -0.43 -29.88
C TRP B 91 -3.38 0.70 -30.83
N SER B 92 -4.62 1.16 -30.80
CA SER B 92 -4.91 2.46 -31.40
C SER B 92 -6.05 3.09 -30.61
N LYS B 93 -6.29 4.39 -30.80
CA LYS B 93 -7.35 5.09 -30.09
C LYS B 93 -8.77 4.57 -30.42
N GLU B 94 -8.91 3.92 -31.57
N GLU B 94 -8.97 3.94 -31.56
CA GLU B 94 -10.17 3.27 -31.94
CA GLU B 94 -10.29 3.39 -31.83
C GLU B 94 -10.60 2.31 -30.85
C GLU B 94 -10.62 2.27 -30.85
N ARG B 95 -9.63 1.80 -30.08
CA ARG B 95 -9.90 0.78 -29.06
C ARG B 95 -10.45 1.39 -27.77
N MSE B 96 -10.47 2.70 -27.67
CA MSE B 96 -11.03 3.34 -26.46
C MSE B 96 -12.55 3.14 -26.26
O MSE B 96 -13.30 3.09 -27.22
CB MSE B 96 -10.70 4.83 -26.47
CG MSE B 96 -9.22 5.05 -26.57
SE MSE B 96 -8.69 6.86 -26.21
CE MSE B 96 -9.68 7.92 -27.48
N SER B 97 -13.00 3.03 -25.02
CA SER B 97 -14.43 3.02 -24.77
C SER B 97 -15.11 4.36 -25.11
N ARG B 98 -16.45 4.33 -25.17
CA ARG B 98 -17.29 5.50 -25.36
C ARG B 98 -16.94 6.61 -24.33
N MSE B 99 -16.78 6.24 -23.06
CA MSE B 99 -16.43 7.24 -22.03
C MSE B 99 -15.03 7.82 -22.24
O MSE B 99 -14.82 9.04 -22.06
CB MSE B 99 -16.61 6.69 -20.61
CG MSE B 99 -18.01 6.78 -20.05
SE MSE B 99 -18.95 8.53 -20.31
CE MSE B 99 -19.43 8.27 -22.16
N ALA B 100 -14.06 6.98 -22.61
CA ALA B 100 -12.70 7.50 -22.85
C ALA B 100 -12.72 8.46 -24.01
N LYS B 101 -13.44 8.12 -25.07
CA LYS B 101 -13.50 9.00 -26.23
C LYS B 101 -14.20 10.33 -25.86
N ILE B 102 -15.21 10.28 -25.01
CA ILE B 102 -15.90 11.52 -24.67
C ILE B 102 -14.95 12.35 -23.80
N ALA B 103 -14.36 11.70 -22.80
CA ALA B 103 -13.51 12.42 -21.85
C ALA B 103 -12.29 13.01 -22.55
N LEU B 104 -11.65 12.23 -23.40
CA LEU B 104 -10.46 12.73 -24.10
C LEU B 104 -10.77 13.75 -25.18
N GLY B 105 -12.03 13.84 -25.59
CA GLY B 105 -12.45 14.91 -26.47
C GLY B 105 -12.53 16.24 -25.74
N ILE B 106 -12.69 16.19 -24.42
CA ILE B 106 -12.88 17.40 -23.61
C ILE B 106 -11.65 17.71 -22.77
N ARG B 107 -11.03 16.68 -22.21
CA ARG B 107 -9.83 16.85 -21.40
C ARG B 107 -8.60 16.73 -22.28
N ASP B 108 -8.31 17.81 -23.02
CA ASP B 108 -7.09 17.97 -23.81
C ASP B 108 -7.21 19.08 -24.87
N ASN C 2 23.06 -15.24 32.35
CA ASN C 2 22.97 -13.78 32.22
C ASN C 2 21.90 -13.24 31.27
N ALA C 3 21.94 -13.61 29.99
CA ALA C 3 20.82 -13.30 29.10
C ALA C 3 19.62 -14.00 29.72
N MSE C 4 19.91 -15.17 30.29
CA MSE C 4 18.91 -15.97 30.99
C MSE C 4 18.39 -15.26 32.23
O MSE C 4 17.17 -15.26 32.49
CB MSE C 4 19.55 -17.30 31.40
CG MSE C 4 19.01 -18.53 30.69
SE MSE C 4 19.78 -20.15 31.46
CE MSE C 4 19.13 -19.94 33.28
N SER C 5 19.30 -14.70 33.02
CA SER C 5 18.88 -14.03 34.24
C SER C 5 18.08 -12.79 33.87
N GLN C 6 18.40 -12.16 32.74
CA GLN C 6 17.69 -10.96 32.30
C GLN C 6 16.31 -11.32 31.80
N GLU C 7 16.16 -12.46 31.13
CA GLU C 7 14.83 -12.91 30.75
C GLU C 7 14.01 -13.30 31.96
N ALA C 8 14.62 -13.94 32.96
CA ALA C 8 13.84 -14.29 34.14
C ALA C 8 13.33 -13.02 34.84
N PHE C 9 14.14 -11.97 34.83
CA PHE C 9 13.75 -10.72 35.50
C PHE C 9 12.70 -9.95 34.68
N GLU C 10 12.81 -9.99 33.37
CA GLU C 10 11.78 -9.42 32.49
C GLU C 10 10.46 -10.14 32.68
N ASN C 11 10.54 -11.46 32.82
CA ASN C 11 9.34 -12.25 33.11
C ASN C 11 8.69 -11.88 34.45
N LYS C 12 9.52 -11.70 35.48
CA LYS C 12 8.99 -11.27 36.77
C LYS C 12 8.34 -9.87 36.71
N LEU C 13 8.98 -8.94 36.02
CA LEU C 13 8.42 -7.60 35.90
C LEU C 13 7.07 -7.67 35.17
N TYR C 14 7.03 -8.39 34.05
CA TYR C 14 5.82 -8.49 33.26
C TYR C 14 4.64 -9.08 34.06
N ALA C 15 4.91 -10.16 34.82
CA ALA C 15 3.93 -10.76 35.69
C ALA C 15 3.36 -9.74 36.70
N ASN C 16 4.25 -8.97 37.29
CA ASN C 16 3.82 -7.96 38.24
C ASN C 16 2.98 -6.84 37.61
N LEU C 17 3.05 -6.67 36.28
CA LEU C 17 2.23 -5.65 35.62
C LEU C 17 0.77 -6.06 35.61
N GLU C 18 0.49 -7.30 36.00
CA GLU C 18 -0.90 -7.71 36.14
C GLU C 18 -1.61 -6.93 37.25
N ALA C 19 -0.84 -6.28 38.11
CA ALA C 19 -1.46 -5.50 39.17
C ALA C 19 -1.81 -4.07 38.67
N VAL C 20 -1.47 -3.74 37.42
CA VAL C 20 -1.82 -2.40 36.91
C VAL C 20 -3.12 -2.45 36.12
N ILE C 21 -4.16 -1.81 36.62
CA ILE C 21 -5.48 -1.92 36.01
C ILE C 21 -5.82 -0.71 35.15
N ASP C 22 -6.33 -0.95 33.97
CA ASP C 22 -6.88 0.16 33.20
C ASP C 22 -8.22 0.53 33.82
N PRO C 23 -8.30 1.71 34.43
CA PRO C 23 -9.53 2.06 35.17
C PRO C 23 -10.79 2.12 34.28
N GLU C 24 -10.65 2.36 32.99
CA GLU C 24 -11.85 2.50 32.15
C GLU C 24 -12.49 1.16 31.86
N LEU C 25 -11.66 0.10 31.82
CA LEU C 25 -12.15 -1.23 31.44
C LEU C 25 -12.22 -2.22 32.60
N GLY C 26 -11.52 -1.93 33.69
CA GLY C 26 -11.49 -2.83 34.83
C GLY C 26 -10.68 -4.10 34.54
N VAL C 27 -9.79 -4.03 33.56
CA VAL C 27 -8.96 -5.19 33.19
C VAL C 27 -7.47 -4.81 33.31
N ASP C 28 -6.62 -5.73 33.74
CA ASP C 28 -5.20 -5.33 33.87
C ASP C 28 -4.61 -5.15 32.48
N ILE C 29 -3.52 -4.37 32.40
CA ILE C 29 -2.92 -3.98 31.11
C ILE C 29 -2.19 -5.12 30.40
N VAL C 30 -1.77 -6.12 31.16
CA VAL C 30 -1.24 -7.34 30.57
C VAL C 30 -2.32 -8.08 29.77
N ASN C 31 -3.44 -8.41 30.42
CA ASN C 31 -4.56 -9.08 29.78
C ASN C 31 -5.27 -8.27 28.68
N LEU C 32 -5.23 -6.93 28.78
CA LEU C 32 -5.70 -6.08 27.68
C LEU C 32 -4.77 -6.11 26.47
N GLY C 33 -3.55 -6.58 26.66
CA GLY C 33 -2.59 -6.58 25.57
C GLY C 33 -1.96 -5.23 25.29
N LEU C 34 -1.91 -4.35 26.30
CA LEU C 34 -1.28 -3.05 26.11
C LEU C 34 0.24 -3.13 26.21
N VAL C 35 0.81 -4.21 26.75
CA VAL C 35 2.27 -4.20 27.01
C VAL C 35 3.01 -4.86 25.86
N TYR C 36 3.79 -4.11 25.11
CA TYR C 36 4.39 -4.70 23.94
C TYR C 36 5.77 -5.28 24.25
N ASP C 37 6.50 -4.70 25.19
CA ASP C 37 7.88 -5.22 25.41
C ASP C 37 8.33 -4.83 26.80
N VAL C 38 9.07 -5.72 27.42
CA VAL C 38 9.73 -5.46 28.69
C VAL C 38 11.18 -5.90 28.52
N THR C 39 12.11 -4.98 28.72
CA THR C 39 13.52 -5.37 28.65
C THR C 39 14.23 -4.83 29.91
N ALA C 40 15.25 -5.54 30.35
CA ALA C 40 15.98 -5.18 31.57
C ALA C 40 17.43 -5.43 31.30
N ASP C 41 18.30 -4.60 31.84
CA ASP C 41 19.72 -4.76 31.54
C ASP C 41 20.44 -5.43 32.70
N GLU C 42 21.78 -5.56 32.60
CA GLU C 42 22.65 -6.10 33.63
C GLU C 42 22.46 -5.44 34.99
N ASN C 43 22.05 -4.18 34.98
CA ASN C 43 21.87 -3.45 36.24
C ASN C 43 20.41 -3.33 36.69
N ASN C 44 19.53 -4.15 36.10
CA ASN C 44 18.14 -4.18 36.49
C ASN C 44 17.38 -2.89 36.20
N ASN C 45 17.90 -2.08 35.27
CA ASN C 45 17.13 -0.99 34.68
C ASN C 45 16.16 -1.55 33.67
N ALA C 46 14.93 -1.06 33.69
CA ALA C 46 13.90 -1.69 32.90
C ALA C 46 13.35 -0.70 31.90
N VAL C 47 13.04 -1.19 30.72
CA VAL C 47 12.32 -0.38 29.75
C VAL C 47 11.02 -1.11 29.43
N ILE C 48 9.93 -0.40 29.66
CA ILE C 48 8.62 -0.98 29.43
C ILE C 48 8.04 -0.26 28.21
N THR C 49 7.75 -1.01 27.15
CA THR C 49 7.16 -0.39 25.95
C THR C 49 5.68 -0.75 25.91
N MSE C 50 4.82 0.26 25.80
CA MSE C 50 3.40 -0.06 25.83
C MSE C 50 2.59 0.97 25.06
O MSE C 50 3.11 2.01 24.67
CB MSE C 50 2.90 -0.16 27.29
CG MSE C 50 2.96 1.16 28.02
SE MSE C 50 2.26 1.12 29.87
CE MSE C 50 0.35 0.65 29.57
N THR C 51 1.32 0.67 24.86
CA THR C 51 0.41 1.59 24.18
C THR C 51 -0.81 1.80 25.06
N MSE C 52 -1.78 2.59 24.60
CA MSE C 52 -3.10 2.70 25.27
C MSE C 52 -4.21 2.19 24.35
O MSE C 52 -3.98 1.93 23.18
CB MSE C 52 -3.38 4.17 25.59
CG MSE C 52 -2.34 4.80 26.51
SE MSE C 52 -2.43 4.08 28.34
CE MSE C 52 -0.52 3.80 28.69
N THR C 53 -5.43 2.11 24.88
CA THR C 53 -6.55 1.66 24.05
C THR C 53 -6.87 2.64 22.92
N SER C 54 -6.55 3.92 23.12
CA SER C 54 -6.67 4.89 22.03
C SER C 54 -5.76 6.09 22.27
N ILE C 55 -5.45 6.81 21.19
CA ILE C 55 -4.62 8.01 21.30
C ILE C 55 -5.17 8.95 22.36
N GLY C 56 -6.49 9.09 22.37
CA GLY C 56 -7.12 10.08 23.23
C GLY C 56 -7.12 9.72 24.71
N CYS C 57 -6.73 8.48 25.00
CA CYS C 57 -6.92 7.93 26.35
C CYS C 57 -6.49 8.90 27.43
N PRO C 58 -7.44 9.29 28.30
CA PRO C 58 -7.22 10.27 29.36
C PRO C 58 -6.50 9.67 30.56
N MSE C 59 -6.48 8.33 30.66
CA MSE C 59 -5.87 7.64 31.80
C MSE C 59 -4.35 7.40 31.65
O MSE C 59 -3.70 6.96 32.58
CB MSE C 59 -6.58 6.31 32.07
CG MSE C 59 -7.99 6.46 32.67
SE MSE C 59 -8.03 7.75 34.15
CE MSE C 59 -9.97 7.84 34.41
N ALA C 60 -3.82 7.69 30.46
CA ALA C 60 -2.42 7.40 30.14
C ALA C 60 -1.43 7.81 31.24
N GLY C 61 -1.52 9.05 31.68
CA GLY C 61 -0.62 9.56 32.71
C GLY C 61 -0.71 8.78 34.02
N GLN C 62 -1.93 8.43 34.41
CA GLN C 62 -2.17 7.65 35.61
C GLN C 62 -1.69 6.20 35.46
N ILE C 63 -1.86 5.64 34.27
CA ILE C 63 -1.44 4.25 34.06
C ILE C 63 0.09 4.19 34.08
N VAL C 64 0.73 5.15 33.42
CA VAL C 64 2.19 5.20 33.45
C VAL C 64 2.76 5.38 34.88
N SER C 65 2.16 6.28 35.64
CA SER C 65 2.54 6.43 37.04
C SER C 65 2.37 5.11 37.80
N ASP C 66 1.27 4.41 37.51
CA ASP C 66 0.94 3.16 38.19
C ASP C 66 1.93 2.08 37.89
N VAL C 67 2.34 2.02 36.64
CA VAL C 67 3.39 1.11 36.24
C VAL C 67 4.64 1.33 37.09
N LYS C 68 5.07 2.58 37.21
CA LYS C 68 6.26 2.87 38.01
C LYS C 68 6.08 2.53 39.48
N LYS C 69 4.89 2.78 39.99
CA LYS C 69 4.59 2.54 41.42
C LYS C 69 4.59 1.05 41.75
N VAL C 70 3.89 0.31 40.91
CA VAL C 70 3.72 -1.12 41.13
C VAL C 70 5.08 -1.79 41.08
N LEU C 71 5.87 -1.51 40.05
CA LEU C 71 7.10 -2.27 39.88
C LEU C 71 8.10 -1.89 40.96
N SER C 72 8.23 -0.61 41.23
CA SER C 72 9.24 -0.16 42.21
C SER C 72 8.84 -0.64 43.60
N THR C 73 7.54 -0.74 43.84
CA THR C 73 7.05 -1.28 45.12
C THR C 73 7.11 -2.80 45.23
N ASN C 74 6.67 -3.51 44.21
CA ASN C 74 6.52 -4.97 44.31
C ASN C 74 7.76 -5.72 43.91
N VAL C 75 8.60 -5.09 43.10
CA VAL C 75 9.89 -5.64 42.70
C VAL C 75 11.01 -4.61 42.99
N PRO C 76 11.32 -4.37 44.26
CA PRO C 76 12.21 -3.25 44.58
C PRO C 76 13.68 -3.48 44.20
N GLU C 77 14.05 -4.66 43.72
CA GLU C 77 15.40 -4.85 43.16
C GLU C 77 15.47 -4.23 41.75
N VAL C 78 14.34 -3.77 41.22
CA VAL C 78 14.42 -3.07 39.94
C VAL C 78 15.11 -1.71 40.17
N ASN C 79 15.82 -1.21 39.19
N ASN C 79 15.85 -1.24 39.17
CA ASN C 79 16.41 0.11 39.38
CA ASN C 79 16.60 0.02 39.25
C ASN C 79 15.67 1.17 38.56
C ASN C 79 15.78 1.15 38.62
N GLU C 80 16.28 1.75 37.54
CA GLU C 80 15.49 2.74 36.78
C GLU C 80 14.37 2.08 35.99
N ILE C 81 13.24 2.76 35.88
CA ILE C 81 12.12 2.30 35.06
C ILE C 81 11.71 3.37 34.08
N GLU C 82 11.78 3.03 32.79
CA GLU C 82 11.43 3.94 31.74
C GLU C 82 10.18 3.36 31.10
N VAL C 83 9.19 4.20 30.90
CA VAL C 83 7.99 3.71 30.25
C VAL C 83 7.84 4.49 28.97
N ASN C 84 7.93 3.79 27.84
N ASN C 84 7.85 3.78 27.84
CA ASN C 84 7.76 4.43 26.54
CA ASN C 84 7.78 4.39 26.51
C ASN C 84 6.37 4.08 26.02
C ASN C 84 6.44 4.11 25.84
N VAL C 85 5.54 5.09 25.83
CA VAL C 85 4.23 4.90 25.24
C VAL C 85 4.36 5.05 23.72
N VAL C 86 3.95 4.02 22.98
CA VAL C 86 4.05 4.01 21.53
C VAL C 86 2.66 3.80 20.93
N TRP C 87 2.51 4.10 19.64
CA TRP C 87 1.22 4.12 18.96
C TRP C 87 1.24 3.22 17.74
N ASN C 88 2.39 2.59 17.53
CA ASN C 88 2.63 1.78 16.35
C ASN C 88 3.33 0.50 16.81
N PRO C 89 2.76 -0.68 16.50
CA PRO C 89 1.49 -0.98 15.83
C PRO C 89 0.30 -0.63 16.73
N PRO C 90 -0.84 -0.32 16.13
CA PRO C 90 -1.97 0.20 16.93
C PRO C 90 -2.59 -0.89 17.78
N TRP C 91 -3.05 -0.53 18.95
CA TRP C 91 -3.79 -1.51 19.73
C TRP C 91 -5.12 -1.82 19.04
N SER C 92 -5.66 -3.00 19.32
CA SER C 92 -7.04 -3.34 19.00
C SER C 92 -7.48 -4.44 19.96
N LYS C 93 -8.78 -4.65 20.04
CA LYS C 93 -9.33 -5.64 20.95
C LYS C 93 -8.82 -7.05 20.65
N GLU C 94 -8.35 -7.28 19.42
CA GLU C 94 -7.79 -8.59 19.10
C GLU C 94 -6.59 -8.97 19.94
N ARG C 95 -5.93 -7.98 20.55
CA ARG C 95 -4.74 -8.28 21.35
C ARG C 95 -5.06 -8.68 22.78
N MSE C 96 -6.35 -8.67 23.10
CA MSE C 96 -6.73 -9.05 24.47
C MSE C 96 -6.50 -10.55 24.68
O MSE C 96 -6.58 -11.31 23.74
CB MSE C 96 -8.19 -8.68 24.73
CG MSE C 96 -8.40 -7.17 24.73
SE MSE C 96 -10.21 -6.67 25.24
CE MSE C 96 -11.18 -8.10 24.38
N SER C 97 -6.22 -10.96 25.92
CA SER C 97 -6.09 -12.37 26.23
C SER C 97 -7.44 -13.08 26.17
N ARG C 98 -7.39 -14.41 26.17
CA ARG C 98 -8.56 -15.23 26.14
C ARG C 98 -9.47 -14.83 27.30
N MSE C 99 -8.89 -14.67 28.50
CA MSE C 99 -9.71 -14.39 29.68
C MSE C 99 -10.41 -13.03 29.59
O MSE C 99 -11.58 -12.90 29.95
CB MSE C 99 -8.93 -14.55 30.98
CG MSE C 99 -8.92 -16.03 31.52
SE MSE C 99 -10.71 -16.87 31.51
CE MSE C 99 -11.50 -15.71 32.85
N ALA C 100 -9.68 -12.04 29.05
CA ALA C 100 -10.19 -10.68 28.88
C ALA C 100 -11.28 -10.69 27.84
N LYS C 101 -11.07 -11.41 26.73
CA LYS C 101 -12.14 -11.58 25.75
C LYS C 101 -13.38 -12.24 26.36
N ILE C 102 -13.21 -13.33 27.11
CA ILE C 102 -14.36 -13.95 27.76
C ILE C 102 -15.03 -12.94 28.74
N ALA C 103 -14.26 -12.32 29.62
CA ALA C 103 -14.88 -11.48 30.65
C ALA C 103 -15.54 -10.23 30.06
N LEU C 104 -15.02 -9.70 28.96
CA LEU C 104 -15.60 -8.46 28.42
C LEU C 104 -16.88 -8.68 27.63
N GLY C 105 -17.10 -9.89 27.15
CA GLY C 105 -18.32 -10.21 26.43
C GLY C 105 -19.43 -10.42 27.43
N ILE C 106 -19.06 -10.63 28.69
CA ILE C 106 -20.03 -10.86 29.76
C ILE C 106 -20.20 -9.60 30.64
N ARG C 107 -19.09 -9.04 31.09
CA ARG C 107 -19.15 -7.83 31.91
C ARG C 107 -19.25 -6.60 31.01
N SER D 1 24.44 -38.98 -12.44
CA SER D 1 25.67 -39.24 -11.71
C SER D 1 25.44 -39.24 -10.21
N ASN D 2 26.37 -39.85 -9.48
CA ASN D 2 26.29 -39.89 -8.02
C ASN D 2 26.73 -38.59 -7.35
N ALA D 3 27.80 -37.99 -7.85
CA ALA D 3 28.23 -36.70 -7.31
C ALA D 3 27.07 -35.70 -7.36
N MSE D 4 26.30 -35.74 -8.45
CA MSE D 4 25.13 -34.87 -8.61
C MSE D 4 23.97 -35.27 -7.68
O MSE D 4 23.41 -34.41 -6.98
CB MSE D 4 24.64 -34.86 -10.07
CG MSE D 4 25.56 -34.13 -11.02
SE MSE D 4 26.34 -32.50 -10.26
CE MSE D 4 24.76 -31.35 -10.25
N SER D 5 23.61 -36.54 -7.68
CA SER D 5 22.58 -37.01 -6.77
C SER D 5 23.01 -36.74 -5.32
N GLN D 6 24.32 -36.84 -5.06
CA GLN D 6 24.85 -36.60 -3.73
C GLN D 6 24.67 -35.16 -3.25
N GLU D 7 24.99 -34.20 -4.11
N GLU D 7 24.96 -34.20 -4.12
CA GLU D 7 24.77 -32.81 -3.73
CA GLU D 7 24.80 -32.79 -3.78
C GLU D 7 23.28 -32.57 -3.55
C GLU D 7 23.32 -32.39 -3.69
N ALA D 8 22.48 -32.99 -4.52
CA ALA D 8 21.04 -32.82 -4.43
C ALA D 8 20.49 -33.39 -3.12
N PHE D 9 21.06 -34.50 -2.64
CA PHE D 9 20.61 -35.11 -1.39
C PHE D 9 21.09 -34.31 -0.17
N GLU D 10 22.31 -33.80 -0.23
CA GLU D 10 22.78 -32.89 0.81
C GLU D 10 21.89 -31.65 0.84
N ASN D 11 21.50 -31.17 -0.33
CA ASN D 11 20.70 -29.96 -0.41
C ASN D 11 19.38 -30.23 0.34
N LYS D 12 18.91 -31.45 0.19
CA LYS D 12 17.65 -31.87 0.75
C LYS D 12 17.76 -32.05 2.27
N LEU D 13 18.87 -32.63 2.72
CA LEU D 13 19.06 -32.81 4.16
C LEU D 13 19.11 -31.45 4.84
N TYR D 14 19.87 -30.56 4.21
CA TYR D 14 20.07 -29.21 4.74
C TYR D 14 18.76 -28.48 4.88
N ALA D 15 17.92 -28.52 3.83
CA ALA D 15 16.63 -27.80 3.90
C ALA D 15 15.77 -28.38 5.03
N ASN D 16 15.86 -29.68 5.24
CA ASN D 16 15.11 -30.28 6.35
C ASN D 16 15.56 -29.86 7.75
N LEU D 17 16.82 -29.42 7.88
CA LEU D 17 17.29 -28.92 9.17
C LEU D 17 16.58 -27.62 9.58
N GLU D 18 15.84 -27.00 8.66
CA GLU D 18 15.03 -25.84 9.07
C GLU D 18 13.97 -26.19 10.11
N ALA D 19 13.73 -27.47 10.32
CA ALA D 19 12.76 -27.87 11.33
C ALA D 19 13.42 -28.02 12.69
N VAL D 20 14.74 -27.85 12.78
CA VAL D 20 15.36 -27.97 14.10
C VAL D 20 15.54 -26.60 14.70
N ILE D 21 14.93 -26.36 15.85
CA ILE D 21 14.89 -25.01 16.37
C ILE D 21 15.88 -24.86 17.54
N ASP D 22 16.55 -23.73 17.63
CA ASP D 22 17.28 -23.47 18.89
C ASP D 22 16.35 -22.75 19.86
N PRO D 23 15.90 -23.47 20.91
CA PRO D 23 14.80 -22.99 21.78
C PRO D 23 15.15 -21.69 22.49
N GLU D 24 16.40 -21.48 22.83
CA GLU D 24 16.79 -20.26 23.52
C GLU D 24 16.54 -19.04 22.65
N LEU D 25 16.63 -19.21 21.34
CA LEU D 25 16.59 -18.05 20.45
C LEU D 25 15.35 -18.01 19.60
N GLY D 26 14.65 -19.14 19.48
CA GLY D 26 13.41 -19.20 18.72
C GLY D 26 13.61 -19.19 17.22
N VAL D 27 14.79 -19.62 16.77
CA VAL D 27 15.16 -19.54 15.35
C VAL D 27 15.75 -20.90 14.99
N ASP D 28 15.54 -21.35 13.77
CA ASP D 28 16.04 -22.67 13.41
C ASP D 28 17.54 -22.62 13.14
N ILE D 29 18.22 -23.75 13.28
CA ILE D 29 19.69 -23.79 13.26
C ILE D 29 20.26 -23.42 11.90
N VAL D 30 19.51 -23.64 10.83
CA VAL D 30 19.95 -23.23 9.49
C VAL D 30 20.05 -21.69 9.35
N ASN D 31 18.95 -21.01 9.67
CA ASN D 31 18.94 -19.55 9.64
C ASN D 31 19.84 -18.92 10.68
N LEU D 32 20.11 -19.63 11.77
CA LEU D 32 21.03 -19.09 12.75
C LEU D 32 22.47 -19.16 12.25
N GLY D 33 22.73 -20.00 11.24
CA GLY D 33 24.08 -20.14 10.74
C GLY D 33 24.93 -21.18 11.48
N LEU D 34 24.29 -22.11 12.16
CA LEU D 34 25.00 -23.09 12.96
C LEU D 34 25.49 -24.29 12.17
N VAL D 35 24.94 -24.49 10.97
CA VAL D 35 25.25 -25.68 10.20
C VAL D 35 26.38 -25.38 9.22
N TYR D 36 27.53 -26.00 9.46
CA TYR D 36 28.72 -25.67 8.65
C TYR D 36 28.87 -26.61 7.42
N ASP D 37 28.45 -27.86 7.54
CA ASP D 37 28.65 -28.79 6.41
C ASP D 37 27.62 -29.89 6.47
N VAL D 38 27.18 -30.34 5.31
CA VAL D 38 26.34 -31.55 5.22
C VAL D 38 26.96 -32.41 4.13
N THR D 39 27.29 -33.66 4.43
CA THR D 39 27.78 -34.50 3.33
C THR D 39 27.08 -35.86 3.39
N ALA D 40 26.90 -36.47 2.24
CA ALA D 40 26.27 -37.77 2.16
C ALA D 40 27.09 -38.67 1.23
N ASP D 41 27.08 -39.98 1.48
CA ASP D 41 27.82 -40.92 0.63
C ASP D 41 26.86 -41.62 -0.33
N GLU D 42 27.35 -42.66 -1.02
CA GLU D 42 26.53 -43.37 -2.02
C GLU D 42 25.36 -44.08 -1.37
N ASN D 43 25.53 -44.43 -0.10
CA ASN D 43 24.51 -45.18 0.60
C ASN D 43 23.61 -44.28 1.42
N ASN D 44 23.61 -42.98 1.10
CA ASN D 44 22.76 -42.05 1.81
C ASN D 44 23.03 -41.99 3.32
N ASN D 45 24.28 -42.22 3.71
CA ASN D 45 24.68 -41.89 5.07
C ASN D 45 25.14 -40.43 5.11
N ALA D 46 24.69 -39.69 6.13
CA ALA D 46 24.90 -38.25 6.19
C ALA D 46 25.83 -37.92 7.35
N VAL D 47 26.76 -36.98 7.14
CA VAL D 47 27.50 -36.36 8.22
C VAL D 47 27.12 -34.87 8.28
N ILE D 48 26.69 -34.40 9.44
CA ILE D 48 26.23 -33.04 9.60
C ILE D 48 27.25 -32.41 10.55
N THR D 49 28.04 -31.45 10.07
CA THR D 49 28.98 -30.70 10.91
C THR D 49 28.33 -29.35 11.32
N MSE D 50 28.30 -29.07 12.61
CA MSE D 50 27.71 -27.84 13.09
C MSE D 50 28.39 -27.31 14.35
O MSE D 50 29.24 -27.99 14.92
CB MSE D 50 26.22 -28.05 13.36
CG MSE D 50 25.96 -29.07 14.51
SE MSE D 50 24.04 -29.37 14.89
CE MSE D 50 23.53 -27.50 15.36
N THR D 51 28.00 -26.11 14.76
CA THR D 51 28.48 -25.51 15.99
C THR D 51 27.28 -25.06 16.84
N MSE D 52 27.54 -24.53 18.04
CA MSE D 52 26.52 -23.94 18.89
C MSE D 52 26.76 -22.44 19.00
O MSE D 52 27.82 -21.95 18.63
CB MSE D 52 26.54 -24.57 20.30
CG MSE D 52 26.23 -26.06 20.33
SE MSE D 52 24.45 -26.57 19.55
CE MSE D 52 24.92 -28.30 18.85
N THR D 53 25.78 -21.69 19.50
CA THR D 53 26.01 -20.26 19.60
C THR D 53 27.13 -19.97 20.59
N SER D 54 27.32 -20.85 21.57
CA SER D 54 28.51 -20.77 22.42
C SER D 54 28.81 -22.14 23.01
N ILE D 55 30.02 -22.30 23.55
CA ILE D 55 30.40 -23.55 24.23
C ILE D 55 29.69 -23.58 25.57
N GLY D 56 29.08 -24.72 25.92
CA GLY D 56 28.34 -24.80 27.16
C GLY D 56 26.88 -24.40 27.03
N CYS D 57 26.41 -24.14 25.80
CA CYS D 57 24.98 -23.89 25.55
C CYS D 57 24.15 -25.02 26.16
N PRO D 58 23.26 -24.70 27.11
CA PRO D 58 22.53 -25.75 27.81
C PRO D 58 21.71 -26.65 26.88
N MSE D 59 21.30 -26.14 25.71
CA MSE D 59 20.46 -26.92 24.81
C MSE D 59 21.26 -27.78 23.83
O MSE D 59 20.67 -28.39 22.94
CB MSE D 59 19.58 -26.00 23.96
CG MSE D 59 18.63 -25.10 24.75
SE MSE D 59 17.50 -26.21 25.90
CE MSE D 59 16.47 -24.75 26.71
N ALA D 60 22.58 -27.81 23.95
CA ALA D 60 23.39 -28.41 22.86
C ALA D 60 23.04 -29.87 22.57
N GLY D 61 22.98 -30.69 23.63
CA GLY D 61 22.61 -32.10 23.54
C GLY D 61 21.21 -32.32 22.98
N GLN D 62 20.24 -31.53 23.43
CA GLN D 62 18.89 -31.58 22.87
C GLN D 62 18.89 -31.26 21.36
N ILE D 63 19.67 -30.27 20.96
CA ILE D 63 19.73 -29.92 19.53
C ILE D 63 20.32 -31.02 18.67
N VAL D 64 21.44 -31.57 19.13
CA VAL D 64 22.03 -32.71 18.43
C VAL D 64 20.98 -33.82 18.28
N SER D 65 20.31 -34.17 19.36
CA SER D 65 19.35 -35.26 19.27
C SER D 65 18.15 -34.89 18.36
N ASP D 66 17.74 -33.62 18.37
CA ASP D 66 16.74 -33.13 17.38
C ASP D 66 17.18 -33.27 15.92
N VAL D 67 18.44 -32.98 15.64
CA VAL D 67 18.94 -33.10 14.28
C VAL D 67 18.71 -34.54 13.79
N LYS D 68 19.03 -35.50 14.67
CA LYS D 68 18.97 -36.93 14.32
C LYS D 68 17.52 -37.40 14.18
N LYS D 69 16.69 -36.94 15.10
CA LYS D 69 15.28 -37.26 15.08
C LYS D 69 14.59 -36.70 13.83
N VAL D 70 14.83 -35.42 13.54
CA VAL D 70 14.18 -34.78 12.42
C VAL D 70 14.61 -35.35 11.08
N LEU D 71 15.91 -35.57 10.91
CA LEU D 71 16.38 -36.13 9.63
C LEU D 71 15.88 -37.58 9.43
N SER D 72 15.97 -38.40 10.47
CA SER D 72 15.54 -39.79 10.31
C SER D 72 14.03 -39.88 10.14
N THR D 73 13.29 -38.92 10.67
CA THR D 73 11.86 -38.92 10.50
C THR D 73 11.43 -38.38 9.15
N ASN D 74 11.90 -37.19 8.82
CA ASN D 74 11.38 -36.44 7.68
C ASN D 74 12.08 -36.77 6.36
N VAL D 75 13.22 -37.43 6.44
CA VAL D 75 13.91 -37.86 5.24
C VAL D 75 14.15 -39.35 5.33
N PRO D 76 13.14 -40.16 5.00
CA PRO D 76 13.16 -41.59 5.29
C PRO D 76 14.30 -42.27 4.58
N GLU D 77 14.72 -41.73 3.45
CA GLU D 77 15.75 -42.40 2.67
C GLU D 77 17.17 -42.27 3.26
N VAL D 78 17.39 -41.36 4.23
CA VAL D 78 18.71 -41.37 4.88
C VAL D 78 18.88 -42.63 5.65
N ASN D 79 20.11 -43.10 5.74
CA ASN D 79 20.44 -44.21 6.61
C ASN D 79 21.12 -43.67 7.85
N GLU D 80 22.43 -43.87 7.99
CA GLU D 80 23.14 -43.39 9.19
C GLU D 80 23.23 -41.87 9.23
N ILE D 81 23.22 -41.32 10.44
CA ILE D 81 23.34 -39.89 10.67
C ILE D 81 24.39 -39.60 11.73
N GLU D 82 25.46 -38.96 11.31
CA GLU D 82 26.53 -38.55 12.21
C GLU D 82 26.42 -37.03 12.39
N VAL D 83 26.44 -36.57 13.63
CA VAL D 83 26.51 -35.14 13.90
C VAL D 83 27.83 -34.82 14.60
N ASN D 84 28.68 -34.04 13.93
N ASN D 84 28.68 -34.02 13.94
CA ASN D 84 29.99 -33.64 14.43
CA ASN D 84 30.01 -33.65 14.45
C ASN D 84 29.91 -32.18 14.88
C ASN D 84 30.04 -32.18 14.86
N VAL D 85 30.13 -31.91 16.17
CA VAL D 85 30.12 -30.54 16.67
C VAL D 85 31.54 -29.99 16.71
N VAL D 86 31.73 -28.82 16.12
CA VAL D 86 33.03 -28.16 16.09
C VAL D 86 32.90 -26.74 16.61
N TRP D 87 34.03 -26.16 16.97
CA TRP D 87 34.06 -24.85 17.61
C TRP D 87 34.89 -23.89 16.75
N ASN D 88 35.34 -24.36 15.59
CA ASN D 88 36.10 -23.52 14.68
C ASN D 88 35.60 -23.60 13.26
N PRO D 89 35.43 -22.45 12.59
CA PRO D 89 35.51 -21.11 13.15
C PRO D 89 34.36 -20.87 14.16
N PRO D 90 34.59 -19.98 15.12
CA PRO D 90 33.63 -19.73 16.18
C PRO D 90 32.36 -19.11 15.59
N TRP D 91 31.20 -19.45 16.12
CA TRP D 91 29.98 -18.85 15.61
C TRP D 91 29.96 -17.37 15.93
N SER D 92 29.35 -16.56 15.08
CA SER D 92 28.93 -15.23 15.54
C SER D 92 27.63 -14.84 14.86
N LYS D 93 27.01 -13.78 15.36
CA LYS D 93 25.70 -13.37 14.85
C LYS D 93 25.79 -12.89 13.40
N GLU D 94 26.99 -12.58 12.93
CA GLU D 94 27.12 -12.16 11.54
C GLU D 94 26.85 -13.32 10.60
N ARG D 95 26.82 -14.57 11.12
CA ARG D 95 26.51 -15.73 10.28
C ARG D 95 25.01 -16.00 10.09
N MSE D 96 24.17 -15.24 10.79
CA MSE D 96 22.73 -15.46 10.65
C MSE D 96 22.26 -15.02 9.28
O MSE D 96 22.81 -14.09 8.69
CB MSE D 96 21.98 -14.70 11.72
CG MSE D 96 22.39 -15.09 13.10
SE MSE D 96 21.33 -14.12 14.42
CE MSE D 96 21.72 -12.29 14.04
N SER D 97 21.22 -15.69 8.76
CA SER D 97 20.68 -15.33 7.45
C SER D 97 20.01 -13.95 7.46
N ARG D 98 19.65 -13.47 6.28
CA ARG D 98 18.88 -12.23 6.13
C ARG D 98 17.64 -12.26 7.02
N MSE D 99 16.83 -13.32 6.92
CA MSE D 99 15.60 -13.38 7.65
C MSE D 99 15.84 -13.43 9.18
O MSE D 99 15.12 -12.82 9.95
CB MSE D 99 14.73 -14.57 7.18
CG MSE D 99 13.96 -14.24 5.90
SE MSE D 99 12.89 -12.56 6.05
CE MSE D 99 11.83 -13.00 7.67
N ALA D 100 16.88 -14.15 9.61
CA ALA D 100 17.23 -14.18 11.02
C ALA D 100 17.57 -12.79 11.51
N LYS D 101 18.38 -12.03 10.76
CA LYS D 101 18.77 -10.68 11.21
C LYS D 101 17.54 -9.79 11.24
N ILE D 102 16.67 -9.91 10.23
CA ILE D 102 15.47 -9.06 10.21
C ILE D 102 14.61 -9.38 11.41
N ALA D 103 14.40 -10.67 11.64
CA ALA D 103 13.54 -11.13 12.71
C ALA D 103 14.09 -10.69 14.08
N LEU D 104 15.35 -10.98 14.33
CA LEU D 104 15.89 -10.72 15.66
C LEU D 104 16.04 -9.22 15.92
N GLY D 105 16.06 -8.43 14.85
CA GLY D 105 16.02 -6.99 15.01
C GLY D 105 14.70 -6.46 15.56
N ILE D 106 13.65 -7.27 15.45
CA ILE D 106 12.30 -6.81 15.80
C ILE D 106 11.72 -7.63 16.96
N ARG D 107 12.13 -8.89 17.07
CA ARG D 107 11.67 -9.75 18.16
C ARG D 107 12.83 -10.42 18.93
N SER E 1 -30.27 5.11 -35.46
CA SER E 1 -29.51 6.30 -35.04
C SER E 1 -29.92 6.83 -33.66
N ASN E 2 -30.28 5.92 -32.77
CA ASN E 2 -30.52 6.27 -31.39
C ASN E 2 -29.26 6.20 -30.55
N ALA E 3 -28.46 5.17 -30.76
CA ALA E 3 -27.18 5.03 -30.06
C ALA E 3 -26.32 6.26 -30.32
N MSE E 4 -26.20 6.64 -31.58
CA MSE E 4 -25.45 7.85 -31.95
C MSE E 4 -26.01 9.11 -31.28
O MSE E 4 -25.26 9.98 -30.82
CB MSE E 4 -25.44 8.02 -33.46
CG MSE E 4 -24.30 7.28 -34.16
SE MSE E 4 -24.34 7.52 -36.11
CE MSE E 4 -22.63 6.70 -36.53
N SER E 5 -27.33 9.20 -31.24
CA SER E 5 -28.02 10.36 -30.70
C SER E 5 -27.82 10.45 -29.19
N GLN E 6 -27.90 9.29 -28.53
CA GLN E 6 -27.69 9.21 -27.10
C GLN E 6 -26.24 9.55 -26.76
N GLU E 7 -25.30 9.12 -27.59
N GLU E 7 -25.30 9.11 -27.59
CA GLU E 7 -23.90 9.41 -27.33
CA GLU E 7 -23.89 9.41 -27.35
C GLU E 7 -23.56 10.89 -27.56
C GLU E 7 -23.63 10.91 -27.51
N ALA E 8 -24.17 11.51 -28.57
CA ALA E 8 -24.03 12.96 -28.71
C ALA E 8 -24.62 13.70 -27.50
N PHE E 9 -25.77 13.27 -27.02
CA PHE E 9 -26.35 13.90 -25.85
C PHE E 9 -25.52 13.71 -24.54
N GLU E 10 -24.98 12.51 -24.33
CA GLU E 10 -24.05 12.23 -23.22
C GLU E 10 -22.81 13.10 -23.27
N ASN E 11 -22.28 13.24 -24.48
CA ASN E 11 -21.15 14.11 -24.70
C ASN E 11 -21.46 15.54 -24.33
N LYS E 12 -22.64 16.01 -24.74
CA LYS E 12 -23.06 17.38 -24.40
C LYS E 12 -23.24 17.56 -22.86
N LEU E 13 -23.83 16.57 -22.20
CA LEU E 13 -23.95 16.65 -20.75
C LEU E 13 -22.59 16.70 -20.05
N TYR E 14 -21.67 15.86 -20.49
CA TYR E 14 -20.34 15.76 -19.87
C TYR E 14 -19.58 17.07 -20.00
N ALA E 15 -19.62 17.67 -21.19
CA ALA E 15 -18.99 18.94 -21.42
C ALA E 15 -19.56 19.97 -20.44
N ASN E 16 -20.87 19.92 -20.26
CA ASN E 16 -21.49 20.92 -19.37
C ASN E 16 -21.09 20.76 -17.92
N LEU E 17 -20.61 19.58 -17.54
CA LEU E 17 -20.16 19.32 -16.16
C LEU E 17 -18.87 20.01 -15.83
N GLU E 18 -18.24 20.58 -16.86
CA GLU E 18 -17.09 21.41 -16.63
C GLU E 18 -17.45 22.67 -15.87
N ALA E 19 -18.73 22.99 -15.81
CA ALA E 19 -19.11 24.17 -15.06
C ALA E 19 -19.31 23.80 -13.57
N VAL E 20 -19.15 22.52 -13.20
CA VAL E 20 -19.33 22.17 -11.78
C VAL E 20 -17.98 22.10 -11.09
N ILE E 21 -17.76 22.95 -10.11
CA ILE E 21 -16.43 23.11 -9.51
C ILE E 21 -16.33 22.42 -8.15
N ASP E 22 -15.24 21.71 -7.92
CA ASP E 22 -14.98 21.23 -6.57
C ASP E 22 -14.42 22.39 -5.74
N PRO E 23 -15.22 22.89 -4.79
CA PRO E 23 -14.81 24.13 -4.11
C PRO E 23 -13.52 23.98 -3.31
N GLU E 24 -13.16 22.77 -2.90
CA GLU E 24 -11.96 22.60 -2.08
C GLU E 24 -10.69 22.70 -2.90
N LEU E 25 -10.78 22.32 -4.18
CA LEU E 25 -9.61 22.33 -5.06
C LEU E 25 -9.61 23.46 -6.08
N GLY E 26 -10.78 24.06 -6.29
CA GLY E 26 -10.94 25.10 -7.29
C GLY E 26 -10.84 24.57 -8.73
N VAL E 27 -11.10 23.27 -8.90
CA VAL E 27 -11.01 22.63 -10.22
C VAL E 27 -12.37 21.96 -10.56
N ASP E 28 -12.80 22.01 -11.81
CA ASP E 28 -14.08 21.35 -12.16
C ASP E 28 -14.01 19.82 -12.06
N ILE E 29 -15.17 19.19 -11.85
CA ILE E 29 -15.20 17.74 -11.58
C ILE E 29 -14.78 16.90 -12.78
N VAL E 30 -14.96 17.45 -13.97
CA VAL E 30 -14.49 16.76 -15.17
C VAL E 30 -12.96 16.66 -15.21
N ASN E 31 -12.30 17.79 -15.07
CA ASN E 31 -10.83 17.78 -15.04
C ASN E 31 -10.22 17.08 -13.84
N LEU E 32 -10.92 17.06 -12.71
CA LEU E 32 -10.43 16.33 -11.54
C LEU E 32 -10.53 14.83 -11.76
N GLY E 33 -11.35 14.41 -12.71
CA GLY E 33 -11.55 12.99 -12.95
C GLY E 33 -12.58 12.32 -12.06
N LEU E 34 -13.49 13.12 -11.48
CA LEU E 34 -14.51 12.53 -10.60
C LEU E 34 -15.68 11.86 -11.35
N VAL E 35 -15.86 12.17 -12.64
CA VAL E 35 -17.01 11.68 -13.42
C VAL E 35 -16.65 10.36 -14.13
N TYR E 36 -17.24 9.27 -13.68
CA TYR E 36 -16.89 7.96 -14.21
C TYR E 36 -17.74 7.62 -15.44
N ASP E 37 -19.01 8.00 -15.41
CA ASP E 37 -19.85 7.60 -16.53
C ASP E 37 -20.99 8.58 -16.68
N VAL E 38 -21.43 8.75 -17.92
CA VAL E 38 -22.62 9.54 -18.23
C VAL E 38 -23.45 8.75 -19.22
N THR E 39 -24.67 8.39 -18.85
CA THR E 39 -25.53 7.70 -19.80
C THR E 39 -26.88 8.42 -19.90
N ALA E 40 -27.52 8.33 -21.05
CA ALA E 40 -28.81 8.97 -21.26
C ALA E 40 -29.64 8.03 -22.09
N ASP E 41 -30.94 8.02 -21.82
CA ASP E 41 -31.82 7.14 -22.55
C ASP E 41 -32.53 7.88 -23.70
N GLU E 42 -33.37 7.15 -24.42
CA GLU E 42 -34.17 7.65 -25.52
C GLU E 42 -35.01 8.88 -25.15
N ASN E 43 -35.35 9.00 -23.86
CA ASN E 43 -36.17 10.12 -23.42
C ASN E 43 -35.39 11.21 -22.70
N ASN E 44 -34.07 11.22 -22.88
CA ASN E 44 -33.22 12.21 -22.25
C ASN E 44 -33.16 12.18 -20.73
N ASN E 45 -33.38 11.00 -20.13
CA ASN E 45 -33.09 10.85 -18.71
C ASN E 45 -31.63 10.47 -18.58
N ALA E 46 -30.98 11.01 -17.56
CA ALA E 46 -29.53 10.87 -17.44
C ALA E 46 -29.16 10.21 -16.13
N VAL E 47 -28.12 9.41 -16.19
CA VAL E 47 -27.49 8.89 -14.97
C VAL E 47 -26.02 9.32 -15.00
N ILE E 48 -25.60 10.02 -13.96
CA ILE E 48 -24.23 10.46 -13.87
C ILE E 48 -23.62 9.60 -12.76
N THR E 49 -22.57 8.85 -13.08
CA THR E 49 -21.89 8.06 -12.06
C THR E 49 -20.58 8.79 -11.75
N MSE E 50 -20.35 9.12 -10.48
CA MSE E 50 -19.16 9.87 -10.11
C MSE E 50 -18.71 9.53 -8.72
O MSE E 50 -19.43 8.91 -7.96
CB MSE E 50 -19.45 11.37 -10.16
CG MSE E 50 -20.47 11.79 -9.11
SE MSE E 50 -20.85 13.72 -9.25
CE MSE E 50 -19.03 14.42 -8.89
N THR E 51 -17.50 9.97 -8.38
CA THR E 51 -16.99 9.69 -7.07
C THR E 51 -16.61 11.03 -6.45
N MSE E 52 -16.00 11.03 -5.26
CA MSE E 52 -15.43 12.27 -4.65
C MSE E 52 -13.93 12.07 -4.39
O MSE E 52 -13.45 10.94 -4.47
CB MSE E 52 -16.10 12.55 -3.29
CG MSE E 52 -17.59 12.79 -3.35
SE MSE E 52 -18.07 14.49 -4.20
CE MSE E 52 -19.60 13.90 -5.29
N THR E 53 -13.20 13.12 -4.04
CA THR E 53 -11.76 12.94 -3.75
C THR E 53 -11.49 12.08 -2.51
N SER E 54 -12.44 12.02 -1.59
CA SER E 54 -12.29 11.13 -0.45
C SER E 54 -13.64 10.74 0.09
N ILE E 55 -13.69 9.60 0.76
CA ILE E 55 -14.94 9.13 1.32
C ILE E 55 -15.47 10.18 2.28
N GLY E 56 -14.56 10.82 2.98
CA GLY E 56 -14.93 11.82 3.97
C GLY E 56 -15.49 13.11 3.39
N CYS E 57 -15.25 13.33 2.10
CA CYS E 57 -15.51 14.63 1.48
C CYS E 57 -16.81 15.32 1.89
N PRO E 58 -16.69 16.47 2.53
CA PRO E 58 -17.79 17.27 3.07
C PRO E 58 -18.57 18.04 2.01
N MSE E 59 -18.02 18.18 0.81
CA MSE E 59 -18.67 18.95 -0.25
C MSE E 59 -19.65 18.14 -1.11
O MSE E 59 -20.33 18.70 -1.98
CB MSE E 59 -17.62 19.62 -1.14
CG MSE E 59 -16.89 20.76 -0.45
SE MSE E 59 -18.09 22.05 0.40
CE MSE E 59 -16.75 23.24 1.19
N ALA E 60 -19.73 16.84 -0.84
CA ALA E 60 -20.47 15.91 -1.70
C ALA E 60 -21.92 16.33 -1.98
N GLY E 61 -22.65 16.72 -0.93
CA GLY E 61 -24.05 17.10 -1.10
C GLY E 61 -24.16 18.31 -2.00
N GLN E 62 -23.25 19.27 -1.80
CA GLN E 62 -23.21 20.48 -2.61
C GLN E 62 -22.89 20.19 -4.08
N ILE E 63 -21.96 19.26 -4.30
CA ILE E 63 -21.50 18.95 -5.65
C ILE E 63 -22.64 18.23 -6.36
N VAL E 64 -23.32 17.34 -5.66
CA VAL E 64 -24.38 16.58 -6.31
C VAL E 64 -25.53 17.51 -6.66
N SER E 65 -25.84 18.43 -5.76
CA SER E 65 -26.89 19.42 -6.06
C SER E 65 -26.49 20.32 -7.23
N ASP E 66 -25.21 20.67 -7.30
CA ASP E 66 -24.75 21.53 -8.36
C ASP E 66 -24.78 20.82 -9.70
N VAL E 67 -24.49 19.53 -9.68
CA VAL E 67 -24.56 18.78 -10.90
C VAL E 67 -25.98 18.92 -11.47
N LYS E 68 -26.99 18.72 -10.63
CA LYS E 68 -28.37 18.77 -11.10
C LYS E 68 -28.78 20.17 -11.51
N LYS E 69 -28.23 21.17 -10.85
CA LYS E 69 -28.63 22.54 -11.13
C LYS E 69 -28.05 22.96 -12.47
N VAL E 70 -26.76 22.67 -12.63
CA VAL E 70 -26.05 23.05 -13.84
C VAL E 70 -26.70 22.40 -15.06
N LEU E 71 -26.94 21.08 -14.99
CA LEU E 71 -27.44 20.41 -16.17
C LEU E 71 -28.87 20.82 -16.49
N SER E 72 -29.74 20.86 -15.49
CA SER E 72 -31.16 21.20 -15.76
C SER E 72 -31.25 22.65 -16.27
N THR E 73 -30.29 23.49 -15.89
CA THR E 73 -30.28 24.90 -16.34
C THR E 73 -29.63 25.11 -17.69
N ASN E 74 -28.43 24.55 -17.89
CA ASN E 74 -27.68 24.79 -19.12
C ASN E 74 -28.08 23.86 -20.27
N VAL E 75 -28.65 22.71 -19.94
CA VAL E 75 -29.11 21.74 -20.93
C VAL E 75 -30.57 21.36 -20.66
N PRO E 76 -31.48 22.33 -20.76
CA PRO E 76 -32.84 22.11 -20.27
C PRO E 76 -33.66 21.06 -21.05
N GLU E 77 -33.15 20.53 -22.17
CA GLU E 77 -33.84 19.38 -22.77
C GLU E 77 -33.56 18.07 -22.01
N VAL E 78 -32.65 18.08 -21.03
CA VAL E 78 -32.46 16.88 -20.20
C VAL E 78 -33.74 16.70 -19.39
N ASN E 79 -34.09 15.45 -19.09
CA ASN E 79 -35.21 15.20 -18.21
C ASN E 79 -34.79 14.81 -16.78
N GLU E 80 -35.07 13.59 -16.33
N GLU E 80 -35.09 13.60 -16.33
CA GLU E 80 -34.60 13.20 -15.00
CA GLU E 80 -34.66 13.22 -14.98
C GLU E 80 -33.08 13.20 -14.96
C GLU E 80 -33.13 13.06 -14.91
N ILE E 81 -32.55 13.48 -13.78
CA ILE E 81 -31.11 13.41 -13.58
C ILE E 81 -30.85 12.63 -12.30
N GLU E 82 -30.27 11.45 -12.44
CA GLU E 82 -29.93 10.63 -11.30
C GLU E 82 -28.41 10.75 -11.14
N VAL E 83 -27.95 11.00 -9.93
CA VAL E 83 -26.50 11.09 -9.68
C VAL E 83 -26.17 10.00 -8.70
N ASN E 84 -25.37 9.02 -9.13
CA ASN E 84 -24.96 7.94 -8.23
C ASN E 84 -23.53 8.17 -7.77
N VAL E 85 -23.33 8.34 -6.47
CA VAL E 85 -21.97 8.52 -5.97
C VAL E 85 -21.40 7.15 -5.62
N VAL E 86 -20.28 6.77 -6.25
CA VAL E 86 -19.68 5.46 -6.03
C VAL E 86 -18.25 5.65 -5.49
N TRP E 87 -17.72 4.60 -4.88
CA TRP E 87 -16.44 4.59 -4.20
C TRP E 87 -15.52 3.53 -4.80
N ASN E 88 -16.01 2.85 -5.84
CA ASN E 88 -15.22 1.83 -6.52
C ASN E 88 -15.31 1.99 -8.03
N PRO E 89 -14.16 2.09 -8.73
CA PRO E 89 -12.78 2.17 -8.23
C PRO E 89 -12.54 3.53 -7.55
N PRO E 90 -11.59 3.54 -6.62
CA PRO E 90 -11.31 4.72 -5.80
C PRO E 90 -10.69 5.82 -6.64
N TRP E 91 -11.04 7.06 -6.36
CA TRP E 91 -10.40 8.15 -7.04
C TRP E 91 -8.92 8.21 -6.64
N SER E 92 -8.08 8.73 -7.52
CA SER E 92 -6.74 9.15 -7.14
C SER E 92 -6.35 10.31 -8.06
N LYS E 93 -5.31 11.02 -7.68
CA LYS E 93 -4.89 12.17 -8.44
C LYS E 93 -4.39 11.77 -9.83
N GLU E 94 -4.02 10.51 -10.02
CA GLU E 94 -3.67 10.05 -11.37
C GLU E 94 -4.81 10.20 -12.35
N ARG E 95 -6.06 10.22 -11.86
CA ARG E 95 -7.20 10.45 -12.75
C ARG E 95 -7.37 11.91 -13.19
N MSE E 96 -6.54 12.81 -12.70
CA MSE E 96 -6.74 14.22 -13.09
C MSE E 96 -6.29 14.41 -14.52
O MSE E 96 -5.40 13.69 -14.97
CB MSE E 96 -6.01 15.13 -12.14
CG MSE E 96 -6.54 15.04 -10.72
SE MSE E 96 -5.70 16.40 -9.57
CE MSE E 96 -3.87 16.11 -9.99
N SER E 97 -6.89 15.35 -15.25
CA SER E 97 -6.45 15.68 -16.61
C SER E 97 -5.07 16.30 -16.63
N ARG E 98 -4.50 16.41 -17.85
CA ARG E 98 -3.20 17.05 -18.05
C ARG E 98 -3.21 18.47 -17.46
N MSE E 99 -4.22 19.26 -17.84
CA MSE E 99 -4.30 20.65 -17.38
C MSE E 99 -4.43 20.77 -15.85
O MSE E 99 -3.82 21.64 -15.25
CB MSE E 99 -5.42 21.41 -18.08
CG MSE E 99 -5.03 21.95 -19.47
SE MSE E 99 -3.29 22.84 -19.44
CE MSE E 99 -3.80 24.41 -18.38
N ALA E 100 -5.20 19.87 -15.24
CA ALA E 100 -5.35 19.88 -13.78
C ALA E 100 -4.03 19.51 -13.10
N LYS E 101 -3.31 18.54 -13.64
CA LYS E 101 -1.98 18.21 -13.10
C LYS E 101 -1.04 19.42 -13.23
N ILE E 102 -1.08 20.10 -14.36
CA ILE E 102 -0.23 21.28 -14.55
C ILE E 102 -0.64 22.38 -13.55
N ALA E 103 -1.93 22.72 -13.52
CA ALA E 103 -2.38 23.82 -12.67
C ALA E 103 -2.09 23.53 -11.20
N LEU E 104 -2.18 22.28 -10.78
CA LEU E 104 -2.07 21.96 -9.36
C LEU E 104 -0.63 21.83 -8.88
N GLY E 105 0.30 21.64 -9.80
CA GLY E 105 1.70 21.74 -9.45
C GLY E 105 2.06 23.18 -9.12
N ILE E 106 1.34 24.11 -9.74
CA ILE E 106 1.57 25.55 -9.62
C ILE E 106 0.63 26.26 -8.60
N ARG E 107 -0.66 25.96 -8.62
CA ARG E 107 -1.60 26.58 -7.67
C ARG E 107 -2.26 25.57 -6.75
N ALA F 3 5.00 13.82 -27.25
CA ALA F 3 4.16 14.55 -26.30
C ALA F 3 4.75 14.59 -24.88
N MSE F 4 5.98 14.08 -24.73
CA MSE F 4 6.68 14.09 -23.45
C MSE F 4 7.17 15.49 -23.10
O MSE F 4 6.70 16.11 -22.15
CB MSE F 4 7.87 13.14 -23.52
CG MSE F 4 7.61 11.74 -22.98
SE MSE F 4 7.68 11.70 -21.03
CE MSE F 4 9.57 12.12 -20.79
N SER F 5 8.14 15.96 -23.87
CA SER F 5 8.76 17.25 -23.64
C SER F 5 7.75 18.34 -23.89
N GLN F 6 6.76 18.05 -24.73
CA GLN F 6 5.70 19.00 -25.04
C GLN F 6 4.88 19.36 -23.81
N GLU F 7 4.68 18.37 -22.95
N GLU F 7 4.70 18.39 -22.92
CA GLU F 7 3.96 18.59 -21.71
CA GLU F 7 3.95 18.63 -21.70
C GLU F 7 4.81 19.42 -20.76
C GLU F 7 4.81 19.40 -20.72
N ALA F 8 6.11 19.13 -20.74
CA ALA F 8 7.04 19.84 -19.88
C ALA F 8 7.12 21.33 -20.28
N PHE F 9 7.03 21.57 -21.59
CA PHE F 9 7.04 22.92 -22.16
C PHE F 9 5.73 23.67 -21.91
N GLU F 10 4.63 22.91 -21.94
CA GLU F 10 3.33 23.46 -21.63
C GLU F 10 3.36 23.91 -20.17
N ASN F 11 3.98 23.10 -19.32
CA ASN F 11 4.01 23.37 -17.89
C ASN F 11 4.80 24.62 -17.62
N LYS F 12 5.89 24.78 -18.37
CA LYS F 12 6.72 25.98 -18.33
C LYS F 12 5.96 27.23 -18.83
N LEU F 13 5.30 27.14 -19.97
CA LEU F 13 4.53 28.29 -20.45
C LEU F 13 3.47 28.68 -19.40
N TYR F 14 2.79 27.69 -18.84
CA TYR F 14 1.73 27.92 -17.85
C TYR F 14 2.30 28.64 -16.65
N ALA F 15 3.43 28.15 -16.15
CA ALA F 15 4.14 28.78 -15.03
C ALA F 15 4.44 30.26 -15.31
N ASN F 16 4.88 30.56 -16.53
CA ASN F 16 5.18 31.95 -16.88
C ASN F 16 3.98 32.92 -16.98
N LEU F 17 2.78 32.38 -17.08
CA LEU F 17 1.57 33.18 -17.09
C LEU F 17 1.28 33.81 -15.73
N GLU F 18 1.98 33.35 -14.70
CA GLU F 18 1.84 33.97 -13.38
C GLU F 18 2.38 35.38 -13.38
N ALA F 19 3.10 35.77 -14.42
CA ALA F 19 3.50 37.17 -14.52
C ALA F 19 2.42 38.01 -15.22
N VAL F 20 1.29 37.42 -15.62
CA VAL F 20 0.28 38.28 -16.29
C VAL F 20 -0.79 38.61 -15.26
N ILE F 21 -1.01 39.90 -15.02
CA ILE F 21 -1.86 40.31 -13.91
C ILE F 21 -3.17 40.87 -14.41
N ASP F 22 -4.28 40.51 -13.76
CA ASP F 22 -5.55 41.17 -14.07
C ASP F 22 -5.64 42.43 -13.23
N PRO F 23 -5.53 43.59 -13.88
CA PRO F 23 -5.35 44.81 -13.07
C PRO F 23 -6.57 45.15 -12.21
N GLU F 24 -7.78 44.82 -12.66
CA GLU F 24 -8.96 45.10 -11.85
C GLU F 24 -8.91 44.38 -10.51
N LEU F 25 -8.22 43.24 -10.48
CA LEU F 25 -8.26 42.39 -9.31
C LEU F 25 -6.94 42.25 -8.60
N GLY F 26 -5.85 42.67 -9.24
CA GLY F 26 -4.54 42.65 -8.60
C GLY F 26 -4.01 41.25 -8.40
N VAL F 27 -4.56 40.29 -9.16
CA VAL F 27 -4.17 38.88 -9.03
C VAL F 27 -3.75 38.38 -10.42
N ASP F 28 -2.83 37.43 -10.48
CA ASP F 28 -2.37 36.95 -11.79
C ASP F 28 -3.41 35.99 -12.41
N ILE F 29 -3.45 35.89 -13.74
CA ILE F 29 -4.49 35.13 -14.41
C ILE F 29 -4.50 33.64 -14.07
N VAL F 30 -3.34 33.10 -13.70
CA VAL F 30 -3.23 31.70 -13.28
C VAL F 30 -3.98 31.45 -11.97
N ASN F 31 -3.65 32.22 -10.93
CA ASN F 31 -4.34 32.02 -9.64
C ASN F 31 -5.82 32.42 -9.67
N LEU F 32 -6.19 33.31 -10.58
CA LEU F 32 -7.62 33.64 -10.74
C LEU F 32 -8.39 32.50 -11.39
N GLY F 33 -7.66 31.59 -12.03
CA GLY F 33 -8.30 30.50 -12.75
C GLY F 33 -8.85 30.84 -14.13
N LEU F 34 -8.23 31.83 -14.78
CA LEU F 34 -8.68 32.24 -16.11
C LEU F 34 -8.08 31.43 -17.27
N VAL F 35 -7.04 30.65 -16.99
CA VAL F 35 -6.38 29.90 -18.04
C VAL F 35 -6.92 28.49 -18.08
N TYR F 36 -7.61 28.16 -19.17
CA TYR F 36 -8.24 26.86 -19.26
C TYR F 36 -7.35 25.79 -19.91
N ASP F 37 -6.51 26.18 -20.86
CA ASP F 37 -5.70 25.18 -21.57
C ASP F 37 -4.44 25.83 -22.10
N VAL F 38 -3.37 25.06 -22.10
CA VAL F 38 -2.14 25.45 -22.77
C VAL F 38 -1.68 24.28 -23.59
N THR F 39 -1.46 24.51 -24.89
CA THR F 39 -1.00 23.42 -25.74
C THR F 39 0.13 23.86 -26.66
N ALA F 40 1.18 23.05 -26.74
CA ALA F 40 2.29 23.30 -27.65
C ALA F 40 2.45 22.15 -28.64
N ASP F 41 2.91 22.47 -29.85
CA ASP F 41 3.26 21.43 -30.82
C ASP F 41 4.77 21.17 -30.80
N GLU F 42 5.23 20.17 -31.54
CA GLU F 42 6.67 19.87 -31.56
C GLU F 42 7.50 21.07 -32.07
N ASN F 43 6.83 22.01 -32.72
CA ASN F 43 7.48 23.21 -33.22
C ASN F 43 7.53 24.35 -32.20
N ASN F 44 7.13 24.06 -30.96
CA ASN F 44 7.06 25.08 -29.91
C ASN F 44 6.16 26.28 -30.24
N ASN F 45 5.14 26.05 -31.07
CA ASN F 45 4.08 27.04 -31.21
C ASN F 45 3.12 26.76 -30.05
N ALA F 46 2.53 27.81 -29.48
CA ALA F 46 1.67 27.62 -28.30
C ALA F 46 0.27 28.17 -28.54
N VAL F 47 -0.74 27.48 -28.01
CA VAL F 47 -2.10 28.00 -27.96
C VAL F 47 -2.54 28.11 -26.51
N ILE F 48 -2.88 29.33 -26.09
CA ILE F 48 -3.40 29.58 -24.74
C ILE F 48 -4.90 29.83 -24.82
N THR F 49 -5.71 28.95 -24.23
CA THR F 49 -7.16 29.10 -24.14
C THR F 49 -7.53 29.63 -22.76
N MSE F 50 -8.23 30.76 -22.73
CA MSE F 50 -8.55 31.39 -21.45
C MSE F 50 -9.88 32.11 -21.55
O MSE F 50 -10.45 32.24 -22.64
CB MSE F 50 -7.42 32.37 -21.08
CG MSE F 50 -7.26 33.54 -22.05
SE MSE F 50 -5.87 34.81 -21.51
CE MSE F 50 -6.58 35.20 -19.73
N THR F 51 -10.38 32.56 -20.41
CA THR F 51 -11.59 33.36 -20.38
C THR F 51 -11.28 34.65 -19.61
N MSE F 52 -12.28 35.52 -19.44
CA MSE F 52 -12.14 36.73 -18.61
C MSE F 52 -13.11 36.61 -17.43
O MSE F 52 -13.96 35.73 -17.44
CB MSE F 52 -12.43 38.00 -19.43
CG MSE F 52 -11.53 38.19 -20.64
SE MSE F 52 -9.63 38.52 -20.11
CE MSE F 52 -8.87 37.77 -21.72
N THR F 53 -12.98 37.46 -16.42
CA THR F 53 -13.89 37.36 -15.26
C THR F 53 -15.34 37.61 -15.71
N SER F 54 -15.52 38.43 -16.74
CA SER F 54 -16.84 38.55 -17.38
C SER F 54 -16.69 39.06 -18.82
N ILE F 55 -17.73 38.88 -19.63
CA ILE F 55 -17.73 39.48 -20.96
C ILE F 55 -17.84 41.00 -20.88
N GLY F 56 -17.06 41.69 -21.69
CA GLY F 56 -17.00 43.14 -21.65
C GLY F 56 -15.97 43.67 -20.66
N CYS F 57 -15.17 42.80 -20.07
CA CYS F 57 -14.14 43.26 -19.13
C CYS F 57 -13.25 44.23 -19.90
N PRO F 58 -13.14 45.47 -19.41
CA PRO F 58 -12.45 46.54 -20.14
C PRO F 58 -10.96 46.23 -20.34
N MSE F 59 -10.42 45.34 -19.52
CA MSE F 59 -9.00 45.00 -19.59
C MSE F 59 -8.70 43.81 -20.50
O MSE F 59 -7.54 43.39 -20.63
CB MSE F 59 -8.48 44.67 -18.18
CG MSE F 59 -8.33 45.86 -17.24
SE MSE F 59 -7.47 47.38 -18.11
CE MSE F 59 -7.36 48.59 -16.59
N ALA F 60 -9.72 43.23 -21.13
CA ALA F 60 -9.49 41.95 -21.82
C ALA F 60 -8.38 42.09 -22.89
N GLY F 61 -8.40 43.20 -23.65
CA GLY F 61 -7.44 43.40 -24.72
C GLY F 61 -6.01 43.57 -24.21
N GLN F 62 -5.86 44.29 -23.11
CA GLN F 62 -4.56 44.45 -22.48
C GLN F 62 -4.05 43.10 -21.90
N ILE F 63 -4.93 42.32 -21.31
CA ILE F 63 -4.53 41.01 -20.80
C ILE F 63 -4.06 40.08 -21.93
N VAL F 64 -4.78 40.06 -23.05
CA VAL F 64 -4.31 39.28 -24.20
C VAL F 64 -2.91 39.73 -24.71
N SER F 65 -2.69 41.04 -24.93
CA SER F 65 -1.36 41.57 -25.26
C SER F 65 -0.28 41.11 -24.28
N ASP F 66 -0.55 41.29 -22.99
CA ASP F 66 0.38 40.89 -21.95
C ASP F 66 0.71 39.41 -22.02
N VAL F 67 -0.29 38.56 -22.31
CA VAL F 67 0.03 37.14 -22.42
C VAL F 67 1.09 36.92 -23.50
N LYS F 68 0.94 37.61 -24.63
CA LYS F 68 1.85 37.43 -25.78
C LYS F 68 3.20 38.04 -25.45
N LYS F 69 3.18 39.17 -24.77
CA LYS F 69 4.40 39.89 -24.43
C LYS F 69 5.25 39.06 -23.44
N VAL F 70 4.61 38.60 -22.37
CA VAL F 70 5.27 37.84 -21.33
C VAL F 70 5.85 36.52 -21.84
N LEU F 71 5.07 35.75 -22.58
CA LEU F 71 5.58 34.48 -23.09
C LEU F 71 6.70 34.68 -24.11
N SER F 72 6.56 35.62 -25.03
CA SER F 72 7.60 35.80 -26.05
C SER F 72 8.87 36.37 -25.44
N THR F 73 8.74 37.14 -24.37
CA THR F 73 9.92 37.67 -23.71
C THR F 73 10.57 36.62 -22.79
N ASN F 74 9.78 36.03 -21.91
CA ASN F 74 10.31 35.22 -20.82
C ASN F 74 10.60 33.77 -21.17
N VAL F 75 10.04 33.29 -22.27
CA VAL F 75 10.30 31.95 -22.76
C VAL F 75 10.85 32.08 -24.16
N PRO F 76 12.15 32.35 -24.29
CA PRO F 76 12.74 32.64 -25.61
C PRO F 76 12.37 31.59 -26.66
N GLU F 77 12.15 30.34 -26.23
CA GLU F 77 12.02 29.22 -27.16
C GLU F 77 10.65 29.06 -27.81
N VAL F 78 9.60 29.69 -27.28
CA VAL F 78 8.31 29.65 -27.98
C VAL F 78 8.47 30.33 -29.29
N ASN F 79 7.75 29.85 -30.28
CA ASN F 79 7.62 30.57 -31.53
C ASN F 79 6.31 31.33 -31.58
N GLU F 80 5.33 30.81 -32.30
CA GLU F 80 4.06 31.50 -32.42
C GLU F 80 3.19 31.26 -31.16
N ILE F 81 2.38 32.27 -30.81
CA ILE F 81 1.55 32.22 -29.62
C ILE F 81 0.18 32.70 -30.00
N GLU F 82 -0.82 31.82 -29.94
CA GLU F 82 -2.17 32.31 -30.11
C GLU F 82 -2.99 32.21 -28.83
N VAL F 83 -3.82 33.22 -28.62
CA VAL F 83 -4.63 33.29 -27.44
C VAL F 83 -6.07 33.19 -27.90
N ASN F 84 -6.72 32.09 -27.53
N ASN F 84 -6.68 32.06 -27.56
CA ASN F 84 -8.12 31.81 -27.90
CA ASN F 84 -8.08 31.81 -27.85
C ASN F 84 -9.03 32.06 -26.72
C ASN F 84 -8.83 32.21 -26.59
N VAL F 85 -9.69 33.21 -26.71
CA VAL F 85 -10.54 33.60 -25.59
C VAL F 85 -11.90 32.97 -25.77
N VAL F 86 -12.37 32.29 -24.72
CA VAL F 86 -13.63 31.58 -24.76
C VAL F 86 -14.48 31.95 -23.55
N TRP F 87 -15.76 31.60 -23.61
CA TRP F 87 -16.72 32.02 -22.59
C TRP F 87 -17.40 30.79 -21.98
N ASN F 88 -16.99 29.61 -22.43
CA ASN F 88 -17.56 28.38 -21.89
C ASN F 88 -16.54 27.34 -21.48
N PRO F 89 -16.68 26.79 -20.26
CA PRO F 89 -17.62 27.20 -19.23
C PRO F 89 -17.26 28.59 -18.70
N PRO F 90 -18.23 29.29 -18.14
CA PRO F 90 -18.06 30.66 -17.66
C PRO F 90 -17.24 30.73 -16.38
N TRP F 91 -16.38 31.74 -16.24
CA TRP F 91 -15.53 31.85 -15.05
C TRP F 91 -16.41 32.05 -13.83
N SER F 92 -15.97 31.57 -12.66
CA SER F 92 -16.53 32.01 -11.37
C SER F 92 -15.42 32.05 -10.32
N LYS F 93 -15.67 32.72 -9.20
CA LYS F 93 -14.66 32.85 -8.16
C LYS F 93 -14.28 31.50 -7.57
N GLU F 94 -15.06 30.48 -7.83
N GLU F 94 -15.10 30.49 -7.83
CA GLU F 94 -14.74 29.18 -7.25
CA GLU F 94 -14.83 29.14 -7.32
C GLU F 94 -13.56 28.54 -7.99
C GLU F 94 -13.58 28.56 -7.99
N ARG F 95 -13.21 29.11 -9.14
CA ARG F 95 -12.04 28.63 -9.88
C ARG F 95 -10.71 29.24 -9.38
N MSE F 96 -10.77 30.12 -8.37
CA MSE F 96 -9.51 30.70 -7.89
C MSE F 96 -8.67 29.72 -7.07
O MSE F 96 -9.21 28.88 -6.39
CB MSE F 96 -9.81 31.94 -7.07
CG MSE F 96 -10.39 33.00 -7.91
SE MSE F 96 -10.85 34.60 -6.91
CE MSE F 96 -11.48 34.05 -5.21
N SER F 97 -7.34 29.89 -7.10
CA SER F 97 -6.45 29.05 -6.31
C SER F 97 -6.67 29.27 -4.82
N ARG F 98 -6.14 28.36 -4.02
CA ARG F 98 -6.10 28.53 -2.57
C ARG F 98 -5.56 29.92 -2.20
N MSE F 99 -4.40 30.29 -2.74
CA MSE F 99 -3.80 31.57 -2.36
C MSE F 99 -4.68 32.77 -2.82
O MSE F 99 -4.75 33.80 -2.14
CB MSE F 99 -2.38 31.71 -2.90
CG MSE F 99 -1.38 30.88 -2.13
SE MSE F 99 -1.33 31.52 -0.24
CE MSE F 99 -1.02 33.44 -0.48
N ALA F 100 -5.35 32.64 -3.96
CA ALA F 100 -6.15 33.77 -4.41
C ALA F 100 -7.35 33.93 -3.50
N LYS F 101 -7.97 32.82 -3.06
CA LYS F 101 -9.10 32.87 -2.12
C LYS F 101 -8.68 33.45 -0.76
N ILE F 102 -7.50 33.05 -0.30
CA ILE F 102 -6.99 33.61 0.96
C ILE F 102 -6.75 35.12 0.80
N ALA F 103 -6.11 35.51 -0.30
CA ALA F 103 -5.75 36.90 -0.52
C ALA F 103 -7.00 37.77 -0.66
N LEU F 104 -7.97 37.28 -1.42
CA LEU F 104 -9.18 38.08 -1.69
C LEU F 104 -10.06 38.18 -0.45
N GLY F 105 -9.89 37.24 0.47
CA GLY F 105 -10.56 37.36 1.75
C GLY F 105 -10.08 38.55 2.57
N ILE F 106 -8.84 38.96 2.37
CA ILE F 106 -8.24 39.99 3.22
C ILE F 106 -8.09 41.30 2.48
N ARG F 107 -7.90 41.21 1.16
CA ARG F 107 -7.62 42.37 0.35
C ARG F 107 -8.91 42.80 -0.33
N ASP F 108 -9.75 43.49 0.43
CA ASP F 108 -11.04 43.96 -0.09
C ASP F 108 -11.93 42.77 -0.41
#